data_4YVX
#
_entry.id   4YVX
#
_cell.length_a   47.000
_cell.length_b   49.265
_cell.length_c   83.723
_cell.angle_alpha   74.65
_cell.angle_beta   86.04
_cell.angle_gamma   69.41
#
_symmetry.space_group_name_H-M   'P 1'
#
loop_
_entity.id
_entity.type
_entity.pdbx_description
1 polymer 'Aldo-keto reductase family 1 member C3'
2 non-polymer '3-ethyl-4-methyl-N-[2-(4-{[(cis-4-methylcyclohexyl)carbamoyl]sulfamoyl}phenyl)ethyl]-2-oxo-2,5-dihydro-1H-pyrrole-1-car boxamide'
3 non-polymer 'NADP NICOTINAMIDE-ADENINE-DINUCLEOTIDE PHOSPHATE'
4 water water
#
_entity_poly.entity_id   1
_entity_poly.type   'polypeptide(L)'
_entity_poly.pdbx_seq_one_letter_code
;MDSKHQCVKLNDGHFMPVLGFGTYAPPEVPRSKALEVTKLAIEAGFRHIDSAHLYNNEEQVGLAIRSKIADGSVKREDIF
YTSKLWSTFHRPELVRPALENSLKKAQLDYVDLYLIHSPMSLKPGEELSPTDENGKVIFDIVDLCTTWEAMEKCKDAGLA
KSIGVSNFNRRQLEMILNKPGLKYKPVCNQVECHPYFNRSKLLDFCKSKDIVLVAYSALGSQRDKRWVDPNSPVLLEDPV
LCALAKKHKRTPALIALRYQLQRGVVVLAKSYNEQRIRQNVQVFEFQLTAEDMKAIDGLDRNLHYFNSDSFASHPNYPYS
DEY
;
_entity_poly.pdbx_strand_id   A,B
#
loop_
_chem_comp.id
_chem_comp.type
_chem_comp.name
_chem_comp.formula
GMR non-polymer '3-ethyl-4-methyl-N-[2-(4-{[(cis-4-methylcyclohexyl)carbamoyl]sulfamoyl}phenyl)ethyl]-2-oxo-2,5-dihydro-1H-pyrrole-1-car boxamide' 'C24 H34 N4 O5 S'
NAP non-polymer 'NADP NICOTINAMIDE-ADENINE-DINUCLEOTIDE PHOSPHATE' 'C21 H28 N7 O17 P3'
#
# COMPACT_ATOMS: atom_id res chain seq x y z
N GLN A 6 18.10 23.71 1.40
CA GLN A 6 18.20 23.76 -0.12
C GLN A 6 16.80 23.97 -0.72
N CYS A 7 16.23 25.14 -0.45
CA CYS A 7 14.83 25.48 -0.75
C CYS A 7 14.74 26.80 -1.56
N VAL A 8 13.56 27.08 -2.08
CA VAL A 8 13.24 28.37 -2.68
C VAL A 8 12.06 28.90 -1.91
N LYS A 9 12.08 30.21 -1.63
CA LYS A 9 10.95 30.88 -1.02
C LYS A 9 9.84 31.18 -2.05
N LEU A 10 8.63 30.74 -1.74
CA LEU A 10 7.52 30.89 -2.65
C LEU A 10 6.87 32.23 -2.41
N ASN A 11 6.06 32.67 -3.35
CA ASN A 11 5.38 33.94 -3.26
C ASN A 11 4.31 34.07 -2.14
N ASP A 12 3.94 33.00 -1.45
CA ASP A 12 3.09 33.11 -0.28
C ASP A 12 3.88 32.98 1.05
N GLY A 13 5.22 33.06 1.00
CA GLY A 13 6.11 32.91 2.18
C GLY A 13 6.54 31.46 2.59
N HIS A 14 5.93 30.42 2.00
CA HIS A 14 6.34 29.04 2.25
C HIS A 14 7.60 28.65 1.45
N PHE A 15 8.28 27.58 1.89
CA PHE A 15 9.55 27.10 1.34
C PHE A 15 9.41 25.77 0.61
N MET A 16 9.87 25.71 -0.64
CA MET A 16 9.81 24.47 -1.47
C MET A 16 11.21 23.91 -1.74
N PRO A 17 11.46 22.66 -1.30
CA PRO A 17 12.79 22.09 -1.58
C PRO A 17 13.05 22.01 -3.07
N VAL A 18 14.23 22.40 -3.51
CA VAL A 18 14.53 22.51 -4.96
C VAL A 18 14.56 21.16 -5.75
N LEU A 19 14.79 20.04 -5.04
CA LEU A 19 14.78 18.70 -5.61
C LEU A 19 13.60 17.91 -5.05
N GLY A 20 12.79 17.33 -5.94
CA GLY A 20 11.58 16.61 -5.53
C GLY A 20 11.54 15.20 -6.11
N PHE A 21 10.84 14.30 -5.40
CA PHE A 21 10.71 12.91 -5.81
C PHE A 21 9.46 12.69 -6.64
N GLY A 22 9.67 12.11 -7.83
CA GLY A 22 8.57 11.75 -8.74
C GLY A 22 8.03 10.38 -8.34
N THR A 23 6.74 10.26 -8.07
CA THR A 23 6.16 8.99 -7.57
C THR A 23 5.38 8.12 -8.62
N TYR A 24 5.16 8.63 -9.84
CA TYR A 24 4.32 7.88 -10.81
C TYR A 24 5.04 6.61 -11.27
N ALA A 25 4.29 5.51 -11.31
CA ALA A 25 4.70 4.31 -12.01
C ALA A 25 3.47 3.77 -12.75
N PRO A 26 3.68 3.12 -13.91
CA PRO A 26 2.62 2.52 -14.70
C PRO A 26 1.98 1.33 -13.97
N PRO A 27 0.68 1.03 -14.26
CA PRO A 27 -0.18 0.12 -13.49
C PRO A 27 0.33 -1.31 -13.47
N GLU A 28 1.30 -1.64 -14.33
CA GLU A 28 1.94 -2.96 -14.31
C GLU A 28 2.80 -3.10 -13.09
N VAL A 29 3.28 -2.00 -12.54
CA VAL A 29 4.09 -2.02 -11.33
C VAL A 29 3.14 -2.11 -10.13
N PRO A 30 3.34 -3.10 -9.22
CA PRO A 30 2.43 -3.29 -8.09
C PRO A 30 2.47 -2.10 -7.16
N ARG A 31 1.33 -1.82 -6.58
CA ARG A 31 1.15 -0.63 -5.79
C ARG A 31 1.97 -0.59 -4.53
N SER A 32 2.43 -1.76 -4.04
CA SER A 32 3.37 -1.82 -2.89
C SER A 32 4.72 -1.16 -3.20
N LYS A 33 5.12 -1.13 -4.46
CA LYS A 33 6.43 -0.55 -4.79
C LYS A 33 6.52 0.95 -4.42
N ALA A 34 5.43 1.68 -4.62
CA ALA A 34 5.35 3.10 -4.36
C ALA A 34 5.59 3.39 -2.89
N LEU A 35 4.97 2.58 -2.04
CA LEU A 35 5.24 2.58 -0.58
C LEU A 35 6.76 2.46 -0.32
N GLU A 36 7.34 1.43 -0.89
CA GLU A 36 8.70 1.07 -0.60
C GLU A 36 9.71 2.12 -1.13
N VAL A 37 9.57 2.57 -2.38
CA VAL A 37 10.53 3.57 -2.92
C VAL A 37 10.38 4.97 -2.35
N THR A 38 9.18 5.36 -1.90
CA THR A 38 9.01 6.65 -1.23
C THR A 38 9.79 6.70 0.09
N LYS A 39 9.76 5.57 0.82
CA LYS A 39 10.57 5.37 2.00
C LYS A 39 12.05 5.43 1.66
N LEU A 40 12.49 4.75 0.62
CA LEU A 40 13.92 4.87 0.23
C LEU A 40 14.28 6.32 -0.13
N ALA A 41 13.42 7.03 -0.84
CA ALA A 41 13.70 8.42 -1.24
C ALA A 41 13.88 9.33 -0.02
N ILE A 42 13.05 9.10 1.00
CA ILE A 42 13.17 9.84 2.26
C ILE A 42 14.49 9.48 2.95
N GLU A 43 14.78 8.19 2.98
CA GLU A 43 16.04 7.71 3.52
C GLU A 43 17.24 8.37 2.83
N ALA A 44 17.18 8.44 1.51
CA ALA A 44 18.21 9.12 0.74
C ALA A 44 18.34 10.62 0.98
N GLY A 45 17.28 11.30 1.46
CA GLY A 45 17.33 12.74 1.68
C GLY A 45 16.39 13.65 0.90
N PHE A 46 15.52 13.09 0.04
CA PHE A 46 14.42 13.82 -0.62
C PHE A 46 13.42 14.19 0.43
N ARG A 47 12.97 15.44 0.38
CA ARG A 47 12.02 15.99 1.32
C ARG A 47 10.76 16.45 0.63
N HIS A 48 10.83 16.72 -0.69
CA HIS A 48 9.74 17.14 -1.53
C HIS A 48 9.32 15.89 -2.33
N ILE A 49 8.00 15.64 -2.27
CA ILE A 49 7.38 14.47 -2.81
C ILE A 49 6.17 14.85 -3.67
N ASP A 50 6.17 14.36 -4.92
CA ASP A 50 5.16 14.73 -5.94
C ASP A 50 4.24 13.55 -6.33
N SER A 51 2.93 13.73 -6.08
CA SER A 51 1.87 12.79 -6.41
C SER A 51 0.66 13.53 -7.04
N ALA A 52 -0.45 12.79 -7.15
CA ALA A 52 -1.66 13.28 -7.82
C ALA A 52 -2.76 12.30 -7.65
N HIS A 53 -4.00 12.78 -7.70
CA HIS A 53 -5.14 11.86 -7.80
C HIS A 53 -4.98 10.86 -8.97
N LEU A 54 -4.50 11.32 -10.08
CA LEU A 54 -4.42 10.51 -11.27
C LEU A 54 -3.54 9.33 -11.09
N TYR A 55 -2.56 9.42 -10.19
CA TYR A 55 -1.48 8.40 -10.11
C TYR A 55 -1.84 7.12 -9.37
N ASN A 56 -3.02 7.04 -8.79
CA ASN A 56 -3.43 5.86 -8.04
C ASN A 56 -2.39 5.33 -7.01
N ASN A 57 -1.81 6.25 -6.26
CA ASN A 57 -0.73 5.91 -5.29
C ASN A 57 -0.66 6.74 -4.06
N GLU A 58 -1.61 7.64 -3.83
CA GLU A 58 -1.55 8.57 -2.70
C GLU A 58 -1.68 7.81 -1.34
N GLU A 59 -2.36 6.68 -1.37
CA GLU A 59 -2.48 5.88 -0.16
C GLU A 59 -1.12 5.37 0.28
N GLN A 60 -0.35 4.86 -0.68
CA GLN A 60 0.99 4.29 -0.49
C GLN A 60 2.06 5.36 -0.23
N VAL A 61 2.03 6.44 -1.00
CA VAL A 61 2.93 7.55 -0.78
C VAL A 61 2.69 8.14 0.65
N GLY A 62 1.42 8.29 1.02
CA GLY A 62 1.07 8.81 2.36
C GLY A 62 1.49 7.87 3.47
N LEU A 63 1.26 6.59 3.28
CA LEU A 63 1.72 5.58 4.25
C LEU A 63 3.29 5.53 4.38
N ALA A 64 4.02 5.78 3.30
CA ALA A 64 5.50 5.86 3.35
C ALA A 64 5.92 7.01 4.25
N ILE A 65 5.23 8.13 4.12
CA ILE A 65 5.55 9.32 4.87
C ILE A 65 5.24 9.13 6.32
N ARG A 66 4.09 8.53 6.62
CA ARG A 66 3.70 8.18 8.01
C ARG A 66 4.70 7.21 8.65
N SER A 67 5.15 6.24 7.88
CA SER A 67 6.19 5.32 8.32
C SER A 67 7.50 6.04 8.72
N LYS A 68 8.04 6.87 7.83
CA LYS A 68 9.25 7.68 8.17
C LYS A 68 9.07 8.67 9.31
N ILE A 69 7.85 9.06 9.62
CA ILE A 69 7.60 9.89 10.78
C ILE A 69 7.58 9.06 12.05
N ALA A 70 6.86 7.93 12.01
CA ALA A 70 6.70 7.02 13.17
C ALA A 70 8.02 6.42 13.66
N ASP A 71 8.97 6.21 12.74
CA ASP A 71 10.27 5.63 13.06
C ASP A 71 11.25 6.75 13.41
N GLY A 72 10.78 7.99 13.42
CA GLY A 72 11.57 9.11 13.91
C GLY A 72 12.65 9.63 12.98
N SER A 73 12.63 9.26 11.70
CA SER A 73 13.56 9.84 10.70
C SER A 73 13.27 11.28 10.37
N VAL A 74 11.99 11.60 10.30
CA VAL A 74 11.53 12.94 9.98
C VAL A 74 10.31 13.32 10.81
N LYS A 75 10.04 14.61 10.86
CA LYS A 75 8.75 15.15 11.26
C LYS A 75 7.93 15.55 10.03
N ARG A 76 6.61 15.62 10.20
CA ARG A 76 5.67 16.18 9.17
C ARG A 76 6.13 17.47 8.55
N GLU A 77 6.57 18.42 9.36
CA GLU A 77 7.00 19.72 8.85
C GLU A 77 8.33 19.71 8.02
N ASP A 78 9.12 18.64 8.09
CA ASP A 78 10.30 18.48 7.19
C ASP A 78 9.89 18.03 5.75
N ILE A 79 8.65 17.57 5.56
CA ILE A 79 8.18 16.92 4.33
C ILE A 79 7.32 17.90 3.58
N PHE A 80 7.64 18.07 2.30
CA PHE A 80 6.86 18.88 1.36
C PHE A 80 6.09 17.95 0.36
N TYR A 81 4.78 17.83 0.58
CA TYR A 81 3.92 16.94 -0.19
C TYR A 81 2.93 17.63 -1.11
N THR A 82 2.98 17.26 -2.39
CA THR A 82 2.17 17.81 -3.40
C THR A 82 1.17 16.77 -3.90
N SER A 83 -0.09 17.22 -4.02
CA SER A 83 -1.09 16.50 -4.83
C SER A 83 -1.71 17.42 -5.90
N LYS A 84 -2.49 16.81 -6.80
CA LYS A 84 -3.10 17.51 -7.91
C LYS A 84 -4.60 17.18 -8.08
N LEU A 85 -5.34 18.23 -8.41
CA LEU A 85 -6.78 18.19 -8.72
C LEU A 85 -6.94 17.76 -10.17
N TRP A 86 -7.55 16.60 -10.38
CA TRP A 86 -7.71 16.04 -11.72
C TRP A 86 -8.82 16.80 -12.48
N SER A 87 -8.85 16.70 -13.80
CA SER A 87 -9.62 17.59 -14.68
C SER A 87 -11.15 17.28 -14.70
N THR A 88 -11.54 16.14 -14.10
CA THR A 88 -12.96 15.86 -13.82
C THR A 88 -13.56 16.65 -12.64
N PHE A 89 -12.71 17.30 -11.84
CA PHE A 89 -13.11 18.04 -10.64
C PHE A 89 -12.89 19.56 -10.67
N HIS A 90 -12.88 20.13 -11.87
CA HIS A 90 -12.73 21.57 -12.06
C HIS A 90 -13.91 22.48 -11.62
N ARG A 91 -15.13 21.94 -11.67
CA ARG A 91 -16.27 22.76 -11.24
C ARG A 91 -16.06 23.08 -9.74
N PRO A 92 -16.23 24.35 -9.32
CA PRO A 92 -15.89 24.83 -7.97
C PRO A 92 -16.42 23.98 -6.82
N GLU A 93 -17.65 23.51 -6.90
CA GLU A 93 -18.21 22.64 -5.85
C GLU A 93 -17.47 21.31 -5.66
N LEU A 94 -16.82 20.81 -6.73
CA LEU A 94 -16.04 19.54 -6.70
C LEU A 94 -14.61 19.63 -6.14
N VAL A 95 -14.13 20.84 -5.94
CA VAL A 95 -12.72 21.08 -5.63
C VAL A 95 -12.32 20.65 -4.21
N ARG A 96 -12.97 21.22 -3.21
CA ARG A 96 -12.74 20.84 -1.82
C ARG A 96 -12.98 19.35 -1.51
N PRO A 97 -14.10 18.76 -1.96
CA PRO A 97 -14.21 17.32 -1.77
C PRO A 97 -13.11 16.49 -2.41
N ALA A 98 -12.52 16.96 -3.53
CA ALA A 98 -11.46 16.19 -4.21
C ALA A 98 -10.18 16.23 -3.38
N LEU A 99 -9.87 17.42 -2.90
CA LEU A 99 -8.80 17.57 -1.95
C LEU A 99 -8.99 16.76 -0.67
N GLU A 100 -10.18 16.81 -0.08
CA GLU A 100 -10.44 16.02 1.17
C GLU A 100 -10.29 14.56 0.96
N ASN A 101 -10.70 14.12 -0.22
CA ASN A 101 -10.52 12.77 -0.64
C ASN A 101 -8.98 12.32 -0.78
N SER A 102 -8.17 13.10 -1.49
CA SER A 102 -6.72 12.94 -1.48
C SER A 102 -6.13 12.82 -0.07
N LEU A 103 -6.55 13.71 0.83
CA LEU A 103 -6.04 13.76 2.24
C LEU A 103 -6.42 12.54 3.05
N LYS A 104 -7.67 12.11 2.92
CA LYS A 104 -8.15 10.89 3.52
C LYS A 104 -7.36 9.63 3.04
N LYS A 105 -7.00 9.57 1.76
CA LYS A 105 -6.28 8.40 1.23
C LYS A 105 -4.87 8.42 1.78
N ALA A 106 -4.22 9.58 1.71
CA ALA A 106 -2.87 9.72 2.23
C ALA A 106 -2.74 9.75 3.75
N GLN A 107 -3.86 9.87 4.45
CA GLN A 107 -3.90 10.01 5.91
C GLN A 107 -3.01 11.17 6.38
N LEU A 108 -3.17 12.30 5.72
CA LEU A 108 -2.55 13.54 6.08
C LEU A 108 -3.66 14.51 6.43
N ASP A 109 -3.34 15.48 7.28
CA ASP A 109 -4.24 16.57 7.61
C ASP A 109 -4.19 17.69 6.56
N TYR A 110 -3.03 17.89 5.88
CA TYR A 110 -2.87 18.90 4.84
C TYR A 110 -1.85 18.47 3.77
N VAL A 111 -2.01 19.02 2.58
CA VAL A 111 -0.97 18.92 1.56
C VAL A 111 -0.17 20.20 1.65
N ASP A 112 1.14 20.12 1.39
CA ASP A 112 1.94 21.35 1.26
C ASP A 112 1.65 22.09 -0.01
N LEU A 113 1.20 21.40 -1.02
CA LEU A 113 0.97 22.07 -2.27
C LEU A 113 -0.08 21.36 -3.00
N TYR A 114 -0.99 22.15 -3.55
CA TYR A 114 -2.02 21.64 -4.35
C TYR A 114 -2.16 22.36 -5.67
N LEU A 115 -2.23 21.54 -6.75
CA LEU A 115 -2.23 21.99 -8.12
C LEU A 115 -3.45 21.64 -8.95
N ILE A 116 -3.82 22.55 -9.85
CA ILE A 116 -4.70 22.19 -10.94
C ILE A 116 -3.83 21.42 -11.88
N HIS A 117 -4.16 20.14 -12.05
CA HIS A 117 -3.29 19.26 -12.86
C HIS A 117 -3.11 19.70 -14.33
N SER A 118 -4.16 20.22 -14.93
CA SER A 118 -4.15 20.61 -16.32
C SER A 118 -5.27 21.60 -16.53
N PRO A 119 -5.09 22.55 -17.47
CA PRO A 119 -6.18 23.48 -17.76
C PRO A 119 -7.34 22.85 -18.51
N MET A 120 -7.14 21.65 -19.05
CA MET A 120 -8.10 20.99 -19.92
C MET A 120 -9.18 20.25 -19.12
N SER A 121 -10.35 20.87 -18.96
CA SER A 121 -11.47 20.29 -18.20
C SER A 121 -12.14 19.06 -18.86
N LEU A 122 -12.60 18.16 -18.02
CA LEU A 122 -13.30 16.96 -18.47
C LEU A 122 -14.60 16.80 -17.72
N LYS A 123 -15.51 16.04 -18.33
CA LYS A 123 -16.84 15.70 -17.78
C LYS A 123 -16.81 15.25 -16.33
N PRO A 124 -17.62 15.86 -15.44
CA PRO A 124 -17.62 15.38 -14.03
C PRO A 124 -18.06 13.93 -13.92
N GLY A 125 -17.44 13.24 -12.99
CA GLY A 125 -17.71 11.82 -12.78
C GLY A 125 -16.51 11.22 -12.07
N GLU A 126 -16.59 9.91 -11.82
CA GLU A 126 -15.44 9.23 -11.22
C GLU A 126 -14.69 8.30 -12.21
N GLU A 127 -15.09 8.31 -13.48
CA GLU A 127 -14.18 7.91 -14.56
C GLU A 127 -13.02 8.94 -14.66
N LEU A 128 -11.79 8.45 -14.78
CA LEU A 128 -10.62 9.32 -14.98
C LEU A 128 -10.60 9.87 -16.39
N SER A 129 -10.97 9.03 -17.36
CA SER A 129 -11.07 9.37 -18.76
C SER A 129 -12.49 9.13 -19.37
N PRO A 130 -13.45 10.02 -19.10
CA PRO A 130 -14.81 9.82 -19.65
C PRO A 130 -14.87 9.87 -21.18
N THR A 131 -15.53 8.89 -21.81
CA THR A 131 -15.67 8.86 -23.30
C THR A 131 -17.12 8.62 -23.75
N ASP A 132 -17.46 9.17 -24.90
CA ASP A 132 -18.80 9.01 -25.42
C ASP A 132 -18.94 7.69 -26.17
N GLU A 133 -20.08 7.53 -26.80
CA GLU A 133 -20.46 6.33 -27.55
C GLU A 133 -19.54 5.99 -28.73
N ASN A 134 -18.96 7.03 -29.33
CA ASN A 134 -17.86 6.87 -30.31
C ASN A 134 -16.45 6.86 -29.79
N GLY A 135 -16.28 6.65 -28.47
CA GLY A 135 -14.97 6.48 -27.89
C GLY A 135 -14.16 7.77 -27.83
N LYS A 136 -14.82 8.93 -27.95
CA LYS A 136 -14.14 10.21 -27.90
C LYS A 136 -14.21 10.75 -26.48
N VAL A 137 -13.11 11.34 -26.02
CA VAL A 137 -13.01 11.88 -24.66
C VAL A 137 -14.03 13.00 -24.48
N ILE A 138 -14.78 12.95 -23.37
CA ILE A 138 -15.77 13.99 -23.15
C ILE A 138 -15.14 15.20 -22.36
N PHE A 139 -14.98 16.32 -23.05
CA PHE A 139 -14.46 17.54 -22.48
C PHE A 139 -15.63 18.28 -21.81
N ASP A 140 -15.30 19.13 -20.84
CA ASP A 140 -16.25 20.00 -20.13
C ASP A 140 -15.75 21.44 -20.35
N ILE A 141 -16.61 22.41 -20.15
CA ILE A 141 -16.22 23.80 -20.23
C ILE A 141 -16.46 24.48 -18.89
N VAL A 142 -15.39 25.02 -18.30
CA VAL A 142 -15.40 25.53 -16.96
C VAL A 142 -14.59 26.78 -16.95
N ASP A 143 -15.13 27.86 -16.36
CA ASP A 143 -14.36 29.08 -16.09
C ASP A 143 -13.28 28.76 -15.00
N LEU A 144 -12.04 28.65 -15.43
CA LEU A 144 -10.92 28.30 -14.53
C LEU A 144 -10.66 29.31 -13.36
N CYS A 145 -11.02 30.58 -13.57
CA CYS A 145 -11.04 31.58 -12.52
C CYS A 145 -11.92 31.14 -11.36
N THR A 146 -13.07 30.47 -11.61
CA THR A 146 -13.91 29.94 -10.51
C THR A 146 -13.29 28.74 -9.76
N THR A 147 -12.70 27.84 -10.56
CA THR A 147 -11.88 26.74 -10.08
C THR A 147 -10.74 27.25 -9.20
N TRP A 148 -10.07 28.33 -9.63
CA TRP A 148 -9.05 29.00 -8.80
C TRP A 148 -9.61 29.55 -7.47
N GLU A 149 -10.73 30.28 -7.52
CA GLU A 149 -11.34 30.79 -6.26
C GLU A 149 -11.61 29.68 -5.23
N ALA A 150 -11.99 28.49 -5.69
CA ALA A 150 -12.23 27.37 -4.79
C ALA A 150 -10.93 26.78 -4.27
N MET A 151 -9.84 26.90 -5.04
CA MET A 151 -8.47 26.58 -4.57
C MET A 151 -8.03 27.53 -3.45
N GLU A 152 -8.27 28.83 -3.67
CA GLU A 152 -7.98 29.88 -2.62
C GLU A 152 -8.65 29.54 -1.26
N LYS A 153 -9.89 29.09 -1.35
CA LYS A 153 -10.67 28.73 -0.20
C LYS A 153 -10.05 27.51 0.51
N CYS A 154 -9.52 26.56 -0.24
CA CYS A 154 -8.81 25.41 0.35
C CYS A 154 -7.52 25.83 1.11
N LYS A 155 -6.87 26.89 0.64
CA LYS A 155 -5.72 27.49 1.35
C LYS A 155 -6.11 28.25 2.60
N ASP A 156 -7.23 28.99 2.54
CA ASP A 156 -7.73 29.70 3.71
C ASP A 156 -8.12 28.73 4.79
N ALA A 157 -8.69 27.58 4.38
CA ALA A 157 -9.08 26.52 5.29
C ALA A 157 -7.91 25.66 5.82
N GLY A 158 -6.66 25.99 5.44
CA GLY A 158 -5.48 25.22 5.88
C GLY A 158 -5.31 23.80 5.28
N LEU A 159 -6.19 23.39 4.36
CA LEU A 159 -6.08 22.10 3.75
C LEU A 159 -4.91 22.06 2.75
N ALA A 160 -4.50 23.21 2.19
CA ALA A 160 -3.32 23.29 1.33
C ALA A 160 -2.51 24.49 1.76
N LYS A 161 -1.27 24.27 2.14
CA LYS A 161 -0.44 25.34 2.58
C LYS A 161 -0.13 26.28 1.41
N SER A 162 0.05 25.71 0.20
CA SER A 162 0.27 26.47 -0.99
C SER A 162 -0.59 25.91 -2.12
N ILE A 163 -0.93 26.78 -3.09
CA ILE A 163 -1.68 26.43 -4.30
C ILE A 163 -1.00 27.01 -5.55
N GLY A 164 -1.00 26.22 -6.63
CA GLY A 164 -0.34 26.56 -7.91
C GLY A 164 -1.02 25.82 -9.04
N VAL A 165 -0.41 25.86 -10.22
CA VAL A 165 -1.03 25.24 -11.42
C VAL A 165 -0.02 24.34 -12.13
N SER A 166 -0.46 23.61 -13.13
CA SER A 166 0.38 22.71 -13.89
C SER A 166 -0.14 22.62 -15.29
N ASN A 167 0.80 22.60 -16.22
CA ASN A 167 0.48 22.53 -17.66
C ASN A 167 -0.25 23.75 -18.22
N PHE A 168 -0.07 24.90 -17.59
CA PHE A 168 -0.54 26.20 -18.10
C PHE A 168 0.50 26.87 -19.03
N ASN A 169 0.00 27.55 -20.07
CA ASN A 169 0.87 28.48 -20.90
C ASN A 169 0.78 29.91 -20.34
N ARG A 170 1.47 30.85 -21.01
CA ARG A 170 1.45 32.24 -20.58
C ARG A 170 0.02 32.89 -20.50
N ARG A 171 -0.73 32.76 -21.58
CA ARG A 171 -2.14 33.21 -21.65
C ARG A 171 -3.01 32.70 -20.47
N GLN A 172 -2.83 31.44 -20.11
CA GLN A 172 -3.63 30.83 -19.05
C GLN A 172 -3.20 31.35 -17.67
N LEU A 173 -1.90 31.53 -17.47
CA LEU A 173 -1.42 32.18 -16.26
C LEU A 173 -1.96 33.60 -16.10
N GLU A 174 -1.73 34.42 -17.11
CA GLU A 174 -2.26 35.79 -17.18
C GLU A 174 -3.73 35.85 -16.80
N MET A 175 -4.55 34.94 -17.31
CA MET A 175 -5.99 34.86 -16.97
C MET A 175 -6.21 34.77 -15.44
N ILE A 176 -5.39 33.97 -14.73
CA ILE A 176 -5.43 33.95 -13.27
C ILE A 176 -4.88 35.25 -12.66
N LEU A 177 -3.76 35.75 -13.22
CA LEU A 177 -3.08 36.89 -12.63
C LEU A 177 -3.91 38.19 -12.76
N ASN A 178 -4.68 38.28 -13.85
CA ASN A 178 -5.51 39.44 -14.12
C ASN A 178 -6.93 39.26 -13.62
N LYS A 179 -7.21 38.19 -12.88
CA LYS A 179 -8.55 37.98 -12.34
C LYS A 179 -8.87 39.06 -11.30
N PRO A 180 -10.03 39.75 -11.45
CA PRO A 180 -10.55 40.63 -10.41
C PRO A 180 -10.67 39.94 -9.06
N GLY A 181 -10.13 40.56 -8.00
CA GLY A 181 -10.30 40.07 -6.61
C GLY A 181 -9.36 38.92 -6.25
N LEU A 182 -8.32 38.72 -7.09
CA LEU A 182 -7.38 37.63 -6.85
C LEU A 182 -6.83 37.78 -5.43
N LYS A 183 -7.00 36.73 -4.63
CA LYS A 183 -6.38 36.68 -3.32
C LYS A 183 -4.91 36.16 -3.34
N TYR A 184 -4.68 35.04 -4.04
CA TYR A 184 -3.36 34.33 -4.09
C TYR A 184 -2.95 34.00 -5.52
N LYS A 185 -1.77 34.47 -5.92
CA LYS A 185 -1.14 34.01 -7.11
C LYS A 185 -0.86 32.48 -7.02
N PRO A 186 -0.80 31.79 -8.17
CA PRO A 186 -0.17 30.44 -8.15
C PRO A 186 1.30 30.51 -7.71
N VAL A 187 1.69 29.66 -6.74
CA VAL A 187 3.12 29.67 -6.33
C VAL A 187 4.05 29.16 -7.43
N CYS A 188 3.50 28.35 -8.33
CA CYS A 188 4.33 27.62 -9.32
C CYS A 188 3.48 27.17 -10.48
N ASN A 189 4.18 26.70 -11.49
CA ASN A 189 3.58 26.15 -12.74
C ASN A 189 4.46 24.96 -13.06
N GLN A 190 3.91 23.78 -12.84
CA GLN A 190 4.60 22.58 -13.04
C GLN A 190 4.37 22.11 -14.49
N VAL A 191 5.46 22.04 -15.25
CA VAL A 191 5.41 21.77 -16.69
C VAL A 191 6.54 20.80 -17.17
N GLU A 192 6.36 20.22 -18.36
CA GLU A 192 7.37 19.38 -18.97
C GLU A 192 8.56 20.25 -19.31
N CYS A 193 9.72 19.87 -18.80
CA CYS A 193 10.91 20.71 -18.93
C CYS A 193 12.20 19.85 -18.83
N HIS A 194 12.99 19.88 -19.90
CA HIS A 194 14.24 19.10 -20.04
C HIS A 194 15.14 19.74 -21.18
N PRO A 195 16.37 19.26 -21.40
CA PRO A 195 17.19 20.01 -22.41
C PRO A 195 16.65 20.02 -23.87
N TYR A 196 15.76 19.06 -24.19
CA TYR A 196 15.08 19.07 -25.47
C TYR A 196 13.76 19.86 -25.53
N PHE A 197 13.37 20.51 -24.41
CA PHE A 197 12.20 21.30 -24.33
C PHE A 197 12.39 22.16 -23.08
N ASN A 198 13.24 23.18 -23.18
CA ASN A 198 13.73 23.91 -22.00
C ASN A 198 12.85 24.99 -21.44
N ARG A 199 11.84 25.38 -22.22
CA ARG A 199 10.79 26.33 -21.84
C ARG A 199 11.32 27.69 -21.42
N SER A 200 12.32 28.23 -22.14
CA SER A 200 13.04 29.44 -21.69
C SER A 200 12.14 30.66 -21.66
N LYS A 201 11.33 30.84 -22.70
CA LYS A 201 10.33 31.97 -22.74
C LYS A 201 9.41 31.87 -21.54
N LEU A 202 8.82 30.67 -21.36
CA LEU A 202 7.87 30.46 -20.26
C LEU A 202 8.55 30.71 -18.94
N LEU A 203 9.79 30.26 -18.83
CA LEU A 203 10.57 30.46 -17.63
C LEU A 203 10.85 31.94 -17.34
N ASP A 204 11.31 32.69 -18.33
CA ASP A 204 11.41 34.13 -18.13
C ASP A 204 10.05 34.79 -17.73
N PHE A 205 8.93 34.39 -18.35
CA PHE A 205 7.66 34.97 -17.92
C PHE A 205 7.37 34.68 -16.46
N CYS A 206 7.57 33.42 -16.07
CA CYS A 206 7.35 32.99 -14.67
C CYS A 206 8.27 33.69 -13.67
N LYS A 207 9.54 33.93 -14.01
CA LYS A 207 10.45 34.70 -13.14
C LYS A 207 9.97 36.11 -12.89
N SER A 208 9.42 36.73 -13.94
CA SER A 208 8.90 38.10 -13.86
C SER A 208 7.65 38.31 -12.99
N LYS A 209 6.97 37.23 -12.59
CA LYS A 209 5.79 37.25 -11.70
C LYS A 209 5.99 36.51 -10.35
N ASP A 210 7.25 36.17 -10.00
CA ASP A 210 7.59 35.31 -8.82
C ASP A 210 6.81 34.02 -8.77
N ILE A 211 6.71 33.35 -9.91
CA ILE A 211 6.10 32.06 -10.03
C ILE A 211 7.25 31.13 -10.30
N VAL A 212 7.39 30.08 -9.49
CA VAL A 212 8.41 29.04 -9.70
C VAL A 212 7.98 28.01 -10.80
N LEU A 213 8.80 27.86 -11.85
CA LEU A 213 8.61 26.74 -12.78
C LEU A 213 9.17 25.45 -12.15
N VAL A 214 8.34 24.41 -12.11
CA VAL A 214 8.74 23.12 -11.62
C VAL A 214 8.83 22.16 -12.81
N ALA A 215 9.98 21.47 -12.98
CA ALA A 215 10.22 20.68 -14.18
C ALA A 215 9.79 19.26 -13.99
N TYR A 216 8.92 18.74 -14.88
CA TYR A 216 8.69 17.26 -14.94
C TYR A 216 9.24 16.69 -16.25
N SER A 217 9.37 15.37 -16.27
CA SER A 217 10.11 14.58 -17.26
C SER A 217 11.50 15.18 -17.52
N ALA A 218 12.14 15.64 -16.43
CA ALA A 218 13.44 16.30 -16.47
C ALA A 218 14.55 15.34 -16.92
N LEU A 219 14.31 14.04 -16.81
CA LEU A 219 15.22 13.01 -17.32
C LEU A 219 14.79 12.34 -18.64
N GLY A 220 13.80 12.91 -19.34
CA GLY A 220 13.35 12.41 -20.66
C GLY A 220 12.12 11.56 -20.67
N SER A 221 11.35 11.64 -19.60
CA SER A 221 10.08 10.86 -19.38
C SER A 221 10.34 9.38 -19.12
N GLN A 222 9.29 8.66 -18.78
CA GLN A 222 9.39 7.21 -18.67
C GLN A 222 9.15 6.48 -20.01
N ARG A 223 8.83 7.17 -21.09
CA ARG A 223 8.79 6.53 -22.43
C ARG A 223 7.75 5.40 -22.55
N ASP A 224 6.61 5.58 -21.90
CA ASP A 224 5.55 4.62 -21.87
C ASP A 224 4.93 4.63 -23.23
N LYS A 225 4.88 3.46 -23.83
CA LYS A 225 4.50 3.27 -25.23
C LYS A 225 3.06 3.71 -25.53
N ARG A 226 2.20 3.77 -24.52
CA ARG A 226 0.86 4.28 -24.65
C ARG A 226 0.71 5.80 -24.91
N TRP A 227 1.75 6.57 -24.65
CA TRP A 227 1.69 8.03 -24.86
C TRP A 227 3.01 8.73 -25.04
N VAL A 228 4.04 7.99 -25.44
CA VAL A 228 5.34 8.54 -25.81
C VAL A 228 5.82 7.81 -27.08
N ASP A 229 6.10 8.59 -28.11
CA ASP A 229 6.52 8.04 -29.37
C ASP A 229 7.87 7.25 -29.17
N PRO A 230 7.86 5.91 -29.42
CA PRO A 230 9.11 5.12 -29.34
C PRO A 230 10.25 5.60 -30.27
N ASN A 231 9.95 6.33 -31.34
CA ASN A 231 10.99 6.95 -32.17
C ASN A 231 11.59 8.26 -31.66
N SER A 232 11.07 8.82 -30.58
CA SER A 232 11.61 10.05 -30.04
C SER A 232 13.05 9.77 -29.56
N PRO A 233 13.97 10.77 -29.73
CA PRO A 233 15.34 10.62 -29.18
C PRO A 233 15.35 10.40 -27.67
N VAL A 234 16.30 9.57 -27.20
CA VAL A 234 16.45 9.21 -25.77
C VAL A 234 17.33 10.28 -25.09
N LEU A 235 16.69 11.11 -24.28
CA LEU A 235 17.38 12.20 -23.62
C LEU A 235 18.73 11.78 -23.02
N LEU A 236 18.71 10.80 -22.11
CA LEU A 236 19.95 10.46 -21.38
C LEU A 236 21.08 9.91 -22.28
N GLU A 237 20.74 9.46 -23.50
CA GLU A 237 21.73 9.15 -24.57
C GLU A 237 22.27 10.32 -25.38
N ASP A 238 21.95 11.57 -24.99
CA ASP A 238 22.43 12.74 -25.76
C ASP A 238 23.97 12.83 -25.64
N PRO A 239 24.66 13.13 -26.75
CA PRO A 239 26.13 13.30 -26.77
C PRO A 239 26.70 14.44 -25.96
N VAL A 240 26.05 15.60 -26.00
CA VAL A 240 26.50 16.72 -25.17
C VAL A 240 26.36 16.35 -23.70
N LEU A 241 25.33 15.59 -23.32
CA LEU A 241 25.14 15.28 -21.90
C LEU A 241 26.13 14.27 -21.43
N CYS A 242 26.43 13.29 -22.28
CA CYS A 242 27.39 12.24 -21.95
C CYS A 242 28.79 12.87 -21.83
N ALA A 243 29.14 13.74 -22.77
CA ALA A 243 30.44 14.45 -22.76
C ALA A 243 30.62 15.25 -21.50
N LEU A 244 29.57 15.97 -21.10
CA LEU A 244 29.57 16.65 -19.78
C LEU A 244 29.60 15.73 -18.53
N ALA A 245 29.00 14.54 -18.61
CA ALA A 245 29.12 13.54 -17.54
C ALA A 245 30.56 13.06 -17.34
N LYS A 246 31.32 12.84 -18.42
CA LYS A 246 32.78 12.55 -18.32
C LYS A 246 33.58 13.69 -17.77
N LYS A 247 33.40 14.88 -18.31
CA LYS A 247 34.14 16.02 -17.83
C LYS A 247 34.05 16.13 -16.31
N HIS A 248 32.85 15.96 -15.75
CA HIS A 248 32.62 16.22 -14.32
C HIS A 248 32.66 14.96 -13.48
N LYS A 249 32.94 13.83 -14.09
CA LYS A 249 32.82 12.54 -13.44
C LYS A 249 31.49 12.36 -12.68
N ARG A 250 30.39 12.48 -13.43
CA ARG A 250 29.04 12.31 -12.94
C ARG A 250 28.30 11.44 -13.95
N THR A 251 26.97 11.53 -14.04
CA THR A 251 26.21 10.78 -15.05
C THR A 251 25.31 11.76 -15.86
N PRO A 252 24.81 11.33 -17.00
CA PRO A 252 23.96 12.25 -17.76
C PRO A 252 22.71 12.70 -17.04
N ALA A 253 22.10 11.83 -16.18
CA ALA A 253 20.92 12.23 -15.40
C ALA A 253 21.28 13.39 -14.46
N LEU A 254 22.43 13.26 -13.81
CA LEU A 254 22.94 14.30 -12.91
C LEU A 254 23.19 15.61 -13.64
N ILE A 255 23.61 15.54 -14.92
CA ILE A 255 23.79 16.74 -15.73
C ILE A 255 22.41 17.40 -16.03
N ALA A 256 21.47 16.58 -16.38
CA ALA A 256 20.09 17.03 -16.57
C ALA A 256 19.43 17.71 -15.39
N LEU A 257 19.66 17.19 -14.19
CA LEU A 257 19.07 17.74 -13.00
C LEU A 257 19.75 19.03 -12.59
N ARG A 258 21.08 19.09 -12.67
CA ARG A 258 21.85 20.24 -12.23
C ARG A 258 21.59 21.47 -13.08
N TYR A 259 21.52 21.24 -14.37
CA TYR A 259 21.02 22.22 -15.32
C TYR A 259 19.85 23.02 -14.82
N GLN A 260 18.84 22.30 -14.30
CA GLN A 260 17.63 22.96 -13.94
C GLN A 260 17.89 23.80 -12.68
N LEU A 261 18.64 23.22 -11.73
CA LEU A 261 18.96 23.99 -10.51
C LEU A 261 19.71 25.29 -10.80
N GLN A 262 20.71 25.26 -11.69
CA GLN A 262 21.48 26.49 -11.96
C GLN A 262 20.70 27.50 -12.75
N ARG A 263 19.62 27.13 -13.43
CA ARG A 263 18.77 28.16 -14.07
C ARG A 263 17.55 28.55 -13.20
N GLY A 264 17.51 28.14 -11.92
CA GLY A 264 16.42 28.52 -11.02
C GLY A 264 15.10 27.79 -11.22
N VAL A 265 15.13 26.62 -11.86
CA VAL A 265 13.98 25.72 -11.94
C VAL A 265 14.05 24.71 -10.75
N VAL A 266 12.92 24.51 -10.08
CA VAL A 266 12.75 23.37 -9.16
C VAL A 266 12.45 22.14 -10.05
N VAL A 267 13.13 21.03 -9.75
CA VAL A 267 13.27 19.85 -10.60
C VAL A 267 12.85 18.55 -9.84
N LEU A 268 11.99 17.79 -10.51
CA LEU A 268 11.51 16.50 -10.07
C LEU A 268 12.33 15.44 -10.76
N ALA A 269 12.47 14.30 -10.08
CA ALA A 269 13.21 13.14 -10.55
C ALA A 269 12.51 11.87 -10.03
N LYS A 270 12.04 11.04 -10.96
CA LYS A 270 11.39 9.79 -10.58
C LYS A 270 12.39 8.68 -10.78
N SER A 271 12.53 7.83 -9.78
CA SER A 271 13.24 6.55 -9.89
C SER A 271 12.59 5.58 -8.92
N TYR A 272 12.26 4.36 -9.39
CA TYR A 272 11.89 3.26 -8.51
C TYR A 272 13.12 2.33 -8.21
N ASN A 273 14.35 2.79 -8.45
CA ASN A 273 15.55 1.93 -8.31
C ASN A 273 16.42 2.54 -7.25
N GLU A 274 16.70 1.78 -6.18
CA GLU A 274 17.38 2.30 -5.01
C GLU A 274 18.67 3.07 -5.30
N GLN A 275 19.48 2.54 -6.17
CA GLN A 275 20.79 3.14 -6.44
C GLN A 275 20.69 4.46 -7.22
N ARG A 276 19.75 4.55 -8.15
CA ARG A 276 19.46 5.82 -8.87
C ARG A 276 18.75 6.87 -7.97
N ILE A 277 17.91 6.41 -7.05
CA ILE A 277 17.31 7.34 -6.07
C ILE A 277 18.42 8.05 -5.25
N ARG A 278 19.34 7.24 -4.70
CA ARG A 278 20.48 7.74 -3.93
C ARG A 278 21.46 8.56 -4.81
N GLN A 279 21.73 8.10 -6.04
CA GLN A 279 22.55 8.91 -6.96
C GLN A 279 21.98 10.29 -7.18
N ASN A 280 20.67 10.42 -7.35
CA ASN A 280 20.10 11.72 -7.70
C ASN A 280 20.26 12.86 -6.67
N VAL A 281 20.34 12.55 -5.37
CA VAL A 281 20.60 13.63 -4.37
C VAL A 281 22.01 14.20 -4.48
N GLN A 282 22.90 13.54 -5.22
CA GLN A 282 24.22 14.09 -5.56
C GLN A 282 24.26 15.28 -6.55
N VAL A 283 23.11 15.62 -7.11
CA VAL A 283 22.96 16.85 -7.82
C VAL A 283 23.57 18.04 -7.03
N PHE A 284 23.47 18.02 -5.69
CA PHE A 284 23.99 19.11 -4.85
C PHE A 284 25.51 19.13 -4.68
N GLU A 285 26.25 18.15 -5.22
CA GLU A 285 27.67 18.03 -4.92
C GLU A 285 28.64 18.62 -5.94
N PHE A 286 28.13 19.27 -6.99
CA PHE A 286 28.98 19.76 -8.06
C PHE A 286 28.29 20.90 -8.77
N GLN A 287 29.06 21.66 -9.54
CA GLN A 287 28.57 22.74 -10.40
C GLN A 287 28.90 22.57 -11.89
N LEU A 288 27.99 23.05 -12.73
CA LEU A 288 28.27 23.29 -14.13
C LEU A 288 28.78 24.71 -14.29
N THR A 289 29.63 24.91 -15.31
CA THR A 289 30.15 26.26 -15.67
C THR A 289 29.13 27.00 -16.58
N ALA A 290 29.33 28.29 -16.72
CA ALA A 290 28.52 29.12 -17.60
C ALA A 290 28.44 28.56 -19.01
N GLU A 291 29.57 28.05 -19.51
CA GLU A 291 29.72 27.47 -20.87
C GLU A 291 29.00 26.17 -21.01
N ASP A 292 29.14 25.32 -19.97
CA ASP A 292 28.42 24.06 -19.89
C ASP A 292 26.90 24.34 -20.01
N MET A 293 26.45 25.37 -19.29
CA MET A 293 25.06 25.78 -19.27
C MET A 293 24.61 26.24 -20.66
N LYS A 294 25.39 27.10 -21.32
CA LYS A 294 25.11 27.46 -22.73
C LYS A 294 25.13 26.24 -23.69
N ALA A 295 26.04 25.27 -23.50
CA ALA A 295 26.04 24.09 -24.38
C ALA A 295 24.70 23.33 -24.27
N ILE A 296 24.16 23.23 -23.04
CA ILE A 296 22.88 22.49 -22.78
C ILE A 296 21.69 23.31 -23.35
N ASP A 297 21.72 24.62 -23.15
CA ASP A 297 20.73 25.51 -23.74
C ASP A 297 20.52 25.19 -25.28
N GLY A 298 21.60 24.96 -26.00
CA GLY A 298 21.47 24.81 -27.43
C GLY A 298 20.94 23.48 -27.88
N LEU A 299 20.63 22.58 -26.95
CA LEU A 299 19.94 21.27 -27.24
C LEU A 299 18.42 21.30 -27.47
N ASP A 300 17.79 22.43 -27.20
CA ASP A 300 16.31 22.55 -27.33
C ASP A 300 15.85 22.16 -28.74
N ARG A 301 14.83 21.29 -28.79
CA ARG A 301 14.20 20.82 -30.02
C ARG A 301 12.71 20.98 -30.00
N ASN A 302 12.13 21.66 -29.01
CA ASN A 302 10.68 21.73 -28.83
C ASN A 302 10.03 20.35 -28.85
N LEU A 303 10.66 19.41 -28.16
CA LEU A 303 10.24 18.02 -28.19
C LEU A 303 9.45 17.72 -26.92
N HIS A 304 8.12 17.57 -27.00
CA HIS A 304 7.41 16.99 -25.85
C HIS A 304 7.20 15.47 -25.92
N TYR A 305 7.54 14.79 -24.83
CA TYR A 305 7.40 13.37 -24.75
C TYR A 305 5.96 12.98 -24.64
N PHE A 306 5.21 13.69 -23.81
CA PHE A 306 3.79 13.35 -23.64
C PHE A 306 2.95 13.86 -24.82
N ASN A 307 2.13 12.95 -25.33
CA ASN A 307 1.28 13.22 -26.48
C ASN A 307 0.02 12.33 -26.37
N SER A 308 -1.15 12.96 -26.58
CA SER A 308 -2.43 12.23 -26.63
C SER A 308 -3.30 12.66 -27.83
N ASP A 309 -4.06 11.67 -28.30
CA ASP A 309 -5.01 11.80 -29.40
C ASP A 309 -6.07 12.92 -29.16
N SER A 310 -6.45 13.13 -27.91
CA SER A 310 -7.42 14.17 -27.53
C SER A 310 -6.83 15.43 -26.81
N PHE A 311 -5.65 15.28 -26.18
CA PHE A 311 -4.88 16.41 -25.56
C PHE A 311 -4.53 17.44 -26.61
N ALA A 312 -3.76 17.02 -27.63
CA ALA A 312 -3.48 17.85 -28.80
C ALA A 312 -4.74 17.94 -29.69
N SER A 313 -5.70 18.75 -29.25
CA SER A 313 -7.11 18.78 -29.80
C SER A 313 -7.96 19.89 -29.14
N HIS A 314 -7.97 19.88 -27.80
CA HIS A 314 -8.84 20.65 -26.89
C HIS A 314 -8.81 22.22 -27.06
N PRO A 315 -9.90 22.94 -26.65
CA PRO A 315 -9.82 24.44 -26.61
C PRO A 315 -8.82 25.09 -25.57
N ASN A 316 -8.49 24.33 -24.51
CA ASN A 316 -7.48 24.68 -23.48
C ASN A 316 -6.06 24.00 -23.63
N TYR A 317 -5.81 23.31 -24.75
CA TYR A 317 -4.49 22.76 -25.14
C TYR A 317 -3.40 23.85 -24.93
N PRO A 318 -2.48 23.65 -23.93
CA PRO A 318 -1.50 24.72 -23.60
C PRO A 318 -0.48 25.08 -24.71
N TYR A 319 -0.20 24.14 -25.62
CA TYR A 319 0.77 24.36 -26.70
C TYR A 319 0.12 25.00 -27.97
N SER A 320 -1.03 25.68 -27.81
CA SER A 320 -1.82 26.23 -28.92
C SER A 320 -2.66 27.42 -28.48
N GLN B 6 10.79 -11.96 16.28
CA GLN B 6 10.00 -11.24 17.31
C GLN B 6 8.69 -10.73 16.67
N CYS B 7 8.52 -9.42 16.47
CA CYS B 7 7.19 -8.84 16.26
C CYS B 7 7.11 -7.96 15.03
N VAL B 8 5.89 -7.78 14.54
CA VAL B 8 5.58 -6.83 13.47
C VAL B 8 4.58 -5.82 14.07
N LYS B 9 4.74 -4.56 13.71
CA LYS B 9 3.84 -3.50 14.14
C LYS B 9 2.57 -3.56 13.29
N LEU B 10 1.41 -3.66 13.93
CA LEU B 10 0.13 -3.64 13.24
C LEU B 10 -0.27 -2.16 13.00
N ASN B 11 -1.09 -1.93 11.99
CA ASN B 11 -1.55 -0.56 11.67
C ASN B 11 -2.36 0.16 12.81
N ASP B 12 -2.72 -0.52 13.90
CA ASP B 12 -3.36 0.13 15.04
C ASP B 12 -2.37 0.37 16.20
N GLY B 13 -1.08 0.15 15.95
CA GLY B 13 0.01 0.40 16.95
C GLY B 13 0.44 -0.83 17.75
N HIS B 14 -0.41 -1.83 17.92
CA HIS B 14 -0.09 -3.05 18.67
C HIS B 14 0.91 -3.96 17.97
N PHE B 15 1.46 -4.93 18.69
CA PHE B 15 2.55 -5.77 18.16
C PHE B 15 2.13 -7.23 18.05
N MET B 16 2.40 -7.83 16.88
CA MET B 16 2.06 -9.18 16.62
C MET B 16 3.33 -9.96 16.44
N PRO B 17 3.56 -10.98 17.31
CA PRO B 17 4.68 -11.92 17.10
C PRO B 17 4.56 -12.64 15.76
N VAL B 18 5.70 -12.77 15.06
CA VAL B 18 5.73 -13.34 13.72
C VAL B 18 5.60 -14.84 13.62
N LEU B 19 5.93 -15.58 14.68
CA LEU B 19 5.63 -17.01 14.72
C LEU B 19 4.42 -17.24 15.64
N GLY B 20 3.34 -17.84 15.11
CA GLY B 20 2.19 -18.25 15.97
C GLY B 20 1.90 -19.73 15.99
N PHE B 21 1.34 -20.22 17.13
CA PHE B 21 0.97 -21.65 17.30
C PHE B 21 -0.45 -21.99 16.84
N GLY B 22 -0.59 -22.92 15.87
CA GLY B 22 -1.88 -23.45 15.40
C GLY B 22 -2.45 -24.49 16.38
N THR B 23 -3.65 -24.28 16.91
CA THR B 23 -4.29 -25.14 17.94
C THR B 23 -5.40 -26.08 17.47
N TYR B 24 -5.78 -26.07 16.18
CA TYR B 24 -6.90 -26.90 15.71
C TYR B 24 -6.42 -28.29 15.64
N ALA B 25 -7.26 -29.21 16.15
CA ALA B 25 -7.10 -30.65 15.99
C ALA B 25 -8.49 -31.27 15.74
N PRO B 26 -8.54 -32.30 14.90
CA PRO B 26 -9.82 -32.88 14.53
C PRO B 26 -10.51 -33.64 15.69
N PRO B 27 -11.86 -33.78 15.64
CA PRO B 27 -12.69 -34.23 16.78
C PRO B 27 -12.28 -35.60 17.41
N GLU B 28 -11.49 -36.39 16.70
CA GLU B 28 -10.91 -37.63 17.20
C GLU B 28 -9.81 -37.39 18.21
N VAL B 29 -9.18 -36.21 18.24
CA VAL B 29 -8.18 -35.92 19.28
C VAL B 29 -8.89 -35.45 20.54
N PRO B 30 -8.65 -36.11 21.69
CA PRO B 30 -9.28 -35.68 22.93
C PRO B 30 -9.03 -34.23 23.30
N ARG B 31 -10.04 -33.62 23.88
CA ARG B 31 -10.00 -32.21 24.13
C ARG B 31 -8.84 -31.79 25.03
N SER B 32 -8.41 -32.67 25.94
CA SER B 32 -7.32 -32.33 26.90
C SER B 32 -5.92 -32.21 26.26
N LYS B 33 -5.75 -32.75 25.06
CA LYS B 33 -4.51 -32.58 24.29
C LYS B 33 -4.24 -31.11 24.03
N ALA B 34 -5.28 -30.35 23.71
CA ALA B 34 -5.15 -28.93 23.41
C ALA B 34 -4.54 -28.15 24.55
N LEU B 35 -4.93 -28.52 25.78
CA LEU B 35 -4.35 -27.94 26.98
C LEU B 35 -2.86 -28.32 27.10
N GLU B 36 -2.56 -29.61 26.98
CA GLU B 36 -1.20 -30.09 27.10
C GLU B 36 -0.26 -29.47 26.05
N VAL B 37 -0.64 -29.52 24.77
CA VAL B 37 0.26 -29.02 23.72
C VAL B 37 0.40 -27.50 23.69
N THR B 38 -0.61 -26.75 24.17
CA THR B 38 -0.51 -25.31 24.20
C THR B 38 0.44 -24.93 25.32
N LYS B 39 0.41 -25.64 26.45
CA LYS B 39 1.47 -25.46 27.46
C LYS B 39 2.88 -25.70 26.89
N LEU B 40 3.03 -26.83 26.20
CA LEU B 40 4.29 -27.22 25.54
C LEU B 40 4.81 -26.18 24.53
N ALA B 41 3.89 -25.57 23.80
CA ALA B 41 4.19 -24.54 22.81
C ALA B 41 4.74 -23.28 23.51
N ILE B 42 4.06 -22.86 24.57
CA ILE B 42 4.52 -21.70 25.34
C ILE B 42 5.89 -21.98 25.97
N GLU B 43 6.11 -23.21 26.40
CA GLU B 43 7.38 -23.60 27.01
C GLU B 43 8.53 -23.62 26.03
N ALA B 44 8.27 -24.13 24.83
CA ALA B 44 9.23 -24.04 23.74
C ALA B 44 9.53 -22.60 23.32
N GLY B 45 8.62 -21.66 23.58
CA GLY B 45 8.81 -20.26 23.18
C GLY B 45 7.79 -19.65 22.27
N PHE B 46 6.73 -20.35 21.88
CA PHE B 46 5.62 -19.66 21.19
C PHE B 46 4.96 -18.68 22.15
N ARG B 47 4.67 -17.48 21.63
CA ARG B 47 3.93 -16.45 22.35
C ARG B 47 2.64 -15.98 21.67
N HIS B 48 2.56 -16.20 20.37
CA HIS B 48 1.35 -15.96 19.55
C HIS B 48 0.61 -17.31 19.47
N ILE B 49 -0.68 -17.30 19.80
CA ILE B 49 -1.49 -18.50 19.86
C ILE B 49 -2.77 -18.28 19.10
N ASP B 50 -3.08 -19.16 18.15
CA ASP B 50 -4.25 -19.02 17.26
C ASP B 50 -5.37 -20.07 17.45
N SER B 51 -6.51 -19.55 17.91
CA SER B 51 -7.69 -20.34 18.15
C SER B 51 -8.95 -19.79 17.36
N ALA B 52 -10.12 -20.33 17.75
CA ALA B 52 -11.44 -19.94 17.22
C ALA B 52 -12.56 -20.68 17.90
N HIS B 53 -13.74 -20.08 17.85
CA HIS B 53 -14.99 -20.75 18.28
C HIS B 53 -15.20 -22.09 17.50
N LEU B 54 -14.93 -22.06 16.20
CA LEU B 54 -15.07 -23.23 15.40
C LEU B 54 -14.25 -24.40 15.95
N TYR B 55 -13.13 -24.16 16.65
CA TYR B 55 -12.20 -25.26 17.00
C TYR B 55 -12.57 -26.07 18.25
N ASN B 56 -13.55 -25.61 19.00
CA ASN B 56 -14.02 -26.30 20.18
C ASN B 56 -12.88 -26.64 21.17
N ASN B 57 -12.06 -25.62 21.44
CA ASN B 57 -10.91 -25.76 22.30
C ASN B 57 -10.53 -24.52 23.12
N GLU B 58 -11.35 -23.51 23.09
CA GLU B 58 -11.02 -22.24 23.73
C GLU B 58 -10.90 -22.36 25.26
N GLU B 59 -11.71 -23.22 25.86
CA GLU B 59 -11.53 -23.56 27.28
C GLU B 59 -10.10 -24.07 27.58
N GLN B 60 -9.66 -25.07 26.84
CA GLN B 60 -8.36 -25.69 27.05
C GLN B 60 -7.22 -24.78 26.61
N VAL B 61 -7.41 -24.00 25.56
CA VAL B 61 -6.34 -23.12 25.16
C VAL B 61 -6.18 -22.06 26.24
N GLY B 62 -7.33 -21.58 26.72
CA GLY B 62 -7.37 -20.55 27.75
C GLY B 62 -6.79 -21.02 29.09
N LEU B 63 -6.98 -22.29 29.39
CA LEU B 63 -6.39 -22.94 30.56
C LEU B 63 -4.85 -23.00 30.46
N ALA B 64 -4.33 -23.27 29.28
CA ALA B 64 -2.87 -23.33 29.07
C ALA B 64 -2.22 -21.97 29.22
N ILE B 65 -2.83 -20.94 28.67
CA ILE B 65 -2.37 -19.58 28.87
C ILE B 65 -2.33 -19.23 30.39
N ARG B 66 -3.40 -19.55 31.10
CA ARG B 66 -3.51 -19.23 32.53
C ARG B 66 -2.52 -20.02 33.38
N SER B 67 -2.26 -21.25 32.97
CA SER B 67 -1.26 -22.08 33.65
C SER B 67 0.13 -21.44 33.60
N LYS B 68 0.51 -20.96 32.41
CA LYS B 68 1.83 -20.41 32.17
C LYS B 68 1.99 -19.06 32.82
N ILE B 69 0.87 -18.38 33.05
CA ILE B 69 0.87 -17.17 33.86
C ILE B 69 0.97 -17.52 35.35
N ALA B 70 0.19 -18.50 35.81
CA ALA B 70 0.15 -18.82 37.22
C ALA B 70 1.49 -19.33 37.70
N ASP B 71 2.16 -20.15 36.89
CA ASP B 71 3.45 -20.71 37.31
C ASP B 71 4.64 -19.71 37.23
N GLY B 72 4.38 -18.51 36.70
CA GLY B 72 5.40 -17.46 36.59
C GLY B 72 6.25 -17.41 35.31
N SER B 73 5.98 -18.26 34.33
CA SER B 73 6.76 -18.28 33.08
C SER B 73 6.56 -17.02 32.23
N VAL B 74 5.30 -16.55 32.17
CA VAL B 74 4.86 -15.39 31.36
C VAL B 74 3.85 -14.51 32.10
N LYS B 75 3.78 -13.23 31.74
CA LYS B 75 2.67 -12.34 32.04
C LYS B 75 1.67 -12.42 30.86
N ARG B 76 0.40 -12.09 31.14
CA ARG B 76 -0.62 -11.98 30.12
C ARG B 76 -0.24 -11.08 28.94
N GLU B 77 0.46 -9.99 29.19
CA GLU B 77 0.82 -9.05 28.13
C GLU B 77 1.91 -9.58 27.18
N ASP B 78 2.61 -10.65 27.59
CA ASP B 78 3.54 -11.39 26.71
C ASP B 78 2.93 -12.40 25.73
N ILE B 79 1.65 -12.66 25.87
CA ILE B 79 0.91 -13.57 25.02
C ILE B 79 0.03 -12.80 24.05
N PHE B 80 -0.02 -13.27 22.81
CA PHE B 80 -0.88 -12.71 21.78
C PHE B 80 -1.92 -13.76 21.44
N TYR B 81 -3.16 -13.59 21.92
CA TYR B 81 -4.20 -14.61 21.69
C TYR B 81 -5.21 -14.21 20.65
N THR B 82 -5.42 -15.10 19.69
CA THR B 82 -6.39 -14.92 18.65
C THR B 82 -7.60 -15.84 18.78
N SER B 83 -8.79 -15.23 18.69
CA SER B 83 -10.01 -15.98 18.39
C SER B 83 -10.69 -15.39 17.14
N LYS B 84 -11.78 -16.03 16.74
CA LYS B 84 -12.45 -15.73 15.49
C LYS B 84 -13.95 -15.88 15.65
N LEU B 85 -14.68 -14.86 15.16
CA LEU B 85 -16.14 -14.88 15.05
C LEU B 85 -16.58 -15.84 13.98
N TRP B 86 -17.36 -16.88 14.33
CA TRP B 86 -17.84 -17.82 13.33
C TRP B 86 -19.02 -17.24 12.48
N SER B 87 -19.18 -17.80 11.29
CA SER B 87 -20.11 -17.32 10.26
C SER B 87 -21.61 -17.23 10.62
N THR B 88 -22.05 -17.98 11.64
CA THR B 88 -23.39 -17.87 12.19
C THR B 88 -23.59 -16.60 13.04
N PHE B 89 -22.53 -15.82 13.24
CA PHE B 89 -22.61 -14.63 14.10
C PHE B 89 -22.23 -13.31 13.39
N HIS B 90 -22.33 -13.31 12.07
CA HIS B 90 -22.12 -12.08 11.30
C HIS B 90 -23.10 -10.96 11.58
N ARG B 91 -24.37 -11.26 11.80
CA ARG B 91 -25.36 -10.17 11.98
C ARG B 91 -24.92 -9.33 13.19
N PRO B 92 -24.95 -8.01 13.07
CA PRO B 92 -24.20 -7.18 13.98
C PRO B 92 -24.49 -7.30 15.50
N GLU B 93 -25.72 -7.61 15.85
CA GLU B 93 -26.15 -7.74 17.26
C GLU B 93 -25.64 -9.05 17.88
N LEU B 94 -25.25 -10.01 17.04
CA LEU B 94 -24.65 -11.27 17.48
C LEU B 94 -23.11 -11.20 17.75
N VAL B 95 -22.45 -10.13 17.28
CA VAL B 95 -20.98 -10.09 17.19
C VAL B 95 -20.36 -10.03 18.60
N ARG B 96 -20.76 -9.01 19.37
CA ARG B 96 -20.23 -8.75 20.71
C ARG B 96 -20.54 -9.90 21.72
N PRO B 97 -21.78 -10.44 21.74
CA PRO B 97 -22.05 -11.60 22.57
C PRO B 97 -21.18 -12.83 22.27
N ALA B 98 -20.96 -13.12 20.99
CA ALA B 98 -20.05 -14.20 20.62
C ALA B 98 -18.61 -14.03 21.16
N LEU B 99 -18.08 -12.82 21.06
CA LEU B 99 -16.77 -12.47 21.66
C LEU B 99 -16.73 -12.71 23.16
N GLU B 100 -17.73 -12.20 23.85
CA GLU B 100 -17.85 -12.42 25.30
C GLU B 100 -18.03 -13.89 25.68
N ASN B 101 -18.67 -14.67 24.83
CA ASN B 101 -18.74 -16.10 25.10
C ASN B 101 -17.37 -16.85 24.92
N SER B 102 -16.65 -16.46 23.87
CA SER B 102 -15.23 -16.81 23.69
C SER B 102 -14.37 -16.39 24.92
N LEU B 103 -14.52 -15.15 25.39
CA LEU B 103 -13.81 -14.68 26.60
C LEU B 103 -14.13 -15.52 27.84
N LYS B 104 -15.41 -15.75 28.10
CA LYS B 104 -15.89 -16.57 29.23
C LYS B 104 -15.29 -18.01 29.23
N LYS B 105 -15.45 -18.73 28.12
CA LYS B 105 -14.77 -19.99 27.90
C LYS B 105 -13.24 -20.02 28.14
N ALA B 106 -12.50 -19.12 27.50
CA ALA B 106 -11.05 -19.11 27.67
C ALA B 106 -10.63 -18.45 29.00
N GLN B 107 -11.55 -17.68 29.60
CA GLN B 107 -11.34 -17.03 30.91
C GLN B 107 -10.23 -16.02 30.81
N LEU B 108 -10.41 -15.07 29.91
CA LEU B 108 -9.50 -13.97 29.73
C LEU B 108 -10.36 -12.76 29.72
N ASP B 109 -9.75 -11.61 29.93
CA ASP B 109 -10.47 -10.34 29.88
C ASP B 109 -10.48 -9.73 28.48
N TYR B 110 -9.57 -10.16 27.61
CA TYR B 110 -9.52 -9.68 26.24
C TYR B 110 -8.82 -10.69 25.34
N VAL B 111 -9.11 -10.62 24.06
CA VAL B 111 -8.32 -11.28 23.03
C VAL B 111 -7.41 -10.21 22.49
N ASP B 112 -6.20 -10.59 22.13
CA ASP B 112 -5.30 -9.65 21.39
C ASP B 112 -5.73 -9.36 19.97
N LEU B 113 -6.35 -10.36 19.37
CA LEU B 113 -6.87 -10.26 18.04
C LEU B 113 -8.20 -10.96 17.94
N TYR B 114 -9.13 -10.28 17.29
CA TYR B 114 -10.35 -10.93 16.85
C TYR B 114 -10.64 -10.82 15.35
N LEU B 115 -10.96 -11.95 14.72
CA LEU B 115 -11.20 -12.05 13.26
C LEU B 115 -12.59 -12.48 12.89
N ILE B 116 -13.05 -11.97 11.75
CA ILE B 116 -14.14 -12.57 11.00
C ILE B 116 -13.45 -13.77 10.36
N HIS B 117 -13.97 -14.97 10.61
CA HIS B 117 -13.33 -16.22 10.21
C HIS B 117 -13.39 -16.43 8.70
N SER B 118 -14.56 -16.19 8.14
CA SER B 118 -14.85 -16.40 6.72
C SER B 118 -15.87 -15.34 6.25
N PRO B 119 -15.81 -14.91 4.97
CA PRO B 119 -16.78 -13.92 4.50
C PRO B 119 -18.14 -14.55 4.16
N MET B 120 -18.23 -15.89 4.20
CA MET B 120 -19.43 -16.65 3.85
C MET B 120 -20.45 -16.84 5.00
N SER B 121 -21.44 -15.93 5.07
CA SER B 121 -22.40 -15.91 6.16
C SER B 121 -23.30 -17.11 6.17
N LEU B 122 -23.62 -17.61 7.36
CA LEU B 122 -24.52 -18.78 7.58
C LEU B 122 -25.69 -18.40 8.48
N LYS B 123 -26.72 -19.23 8.41
CA LYS B 123 -27.97 -19.06 9.16
C LYS B 123 -27.72 -18.95 10.67
N PRO B 124 -28.21 -17.85 11.29
CA PRO B 124 -28.03 -17.58 12.71
C PRO B 124 -28.52 -18.72 13.57
N GLY B 125 -27.74 -19.13 14.54
CA GLY B 125 -28.18 -20.22 15.42
C GLY B 125 -27.09 -20.96 16.16
N GLU B 126 -27.53 -22.04 16.80
CA GLU B 126 -26.68 -22.90 17.63
C GLU B 126 -25.88 -23.91 16.83
N GLU B 127 -26.37 -24.36 15.68
CA GLU B 127 -25.57 -25.27 14.83
C GLU B 127 -24.40 -24.48 14.15
N LEU B 128 -23.19 -25.04 14.22
CA LEU B 128 -22.01 -24.52 13.49
C LEU B 128 -22.13 -24.76 12.00
N SER B 129 -22.92 -25.74 11.59
CA SER B 129 -23.23 -25.96 10.18
C SER B 129 -24.72 -26.22 9.99
N PRO B 130 -25.55 -25.15 9.95
CA PRO B 130 -26.98 -25.36 9.77
C PRO B 130 -27.26 -25.93 8.38
N THR B 131 -28.05 -27.02 8.33
CA THR B 131 -28.37 -27.79 7.11
C THR B 131 -29.88 -27.91 6.90
N ASP B 132 -30.40 -27.64 5.70
CA ASP B 132 -31.87 -27.68 5.42
C ASP B 132 -32.50 -29.09 5.53
N GLU B 133 -33.78 -29.20 5.14
CA GLU B 133 -34.48 -30.50 4.95
C GLU B 133 -33.62 -31.62 4.34
N ASN B 134 -32.82 -31.29 3.32
CA ASN B 134 -32.05 -32.28 2.53
C ASN B 134 -30.52 -32.36 2.79
N GLY B 135 -30.08 -32.06 4.03
CA GLY B 135 -28.64 -32.06 4.36
C GLY B 135 -27.79 -31.11 3.50
N LYS B 136 -28.38 -29.95 3.15
CA LYS B 136 -27.75 -28.90 2.34
C LYS B 136 -27.55 -27.70 3.25
N VAL B 137 -26.37 -27.10 3.20
CA VAL B 137 -25.99 -26.06 4.17
C VAL B 137 -26.72 -24.77 3.90
N ILE B 138 -27.24 -24.14 4.96
CA ILE B 138 -28.10 -22.94 4.87
C ILE B 138 -27.26 -21.68 5.05
N PHE B 139 -27.22 -20.89 3.98
CA PHE B 139 -26.54 -19.62 4.00
C PHE B 139 -27.46 -18.52 4.51
N ASP B 140 -26.83 -17.38 4.81
CA ASP B 140 -27.51 -16.16 5.18
C ASP B 140 -26.83 -15.02 4.38
N ILE B 141 -27.47 -13.84 4.34
CA ILE B 141 -27.00 -12.71 3.55
C ILE B 141 -26.80 -11.58 4.53
N VAL B 142 -25.58 -11.12 4.67
CA VAL B 142 -25.27 -10.06 5.62
C VAL B 142 -24.27 -9.10 5.00
N ASP B 143 -24.59 -7.83 5.14
CA ASP B 143 -23.74 -6.75 4.79
C ASP B 143 -22.59 -6.77 5.82
N LEU B 144 -21.40 -7.20 5.38
CA LEU B 144 -20.20 -7.33 6.28
C LEU B 144 -19.61 -6.01 6.76
N CYS B 145 -20.06 -4.91 6.17
CA CYS B 145 -19.77 -3.60 6.71
C CYS B 145 -20.48 -3.35 8.04
N THR B 146 -21.61 -4.04 8.27
CA THR B 146 -22.32 -3.95 9.58
C THR B 146 -21.65 -4.87 10.56
N THR B 147 -21.31 -6.08 10.09
CA THR B 147 -20.41 -6.92 10.88
C THR B 147 -19.15 -6.20 11.38
N TRP B 148 -18.42 -5.57 10.43
CA TRP B 148 -17.18 -4.84 10.75
C TRP B 148 -17.39 -3.73 11.78
N GLU B 149 -18.43 -2.93 11.60
CA GLU B 149 -18.79 -1.87 12.57
C GLU B 149 -18.97 -2.43 13.98
N ALA B 150 -19.65 -3.58 14.10
CA ALA B 150 -19.75 -4.27 15.41
C ALA B 150 -18.44 -4.88 15.85
N MET B 151 -17.51 -5.21 14.93
CA MET B 151 -16.14 -5.56 15.36
C MET B 151 -15.44 -4.31 15.96
N GLU B 152 -15.65 -3.15 15.32
CA GLU B 152 -15.01 -1.94 15.78
C GLU B 152 -15.51 -1.50 17.18
N LYS B 153 -16.78 -1.72 17.49
CA LYS B 153 -17.28 -1.42 18.85
C LYS B 153 -16.58 -2.32 19.88
N CYS B 154 -16.27 -3.56 19.50
CA CYS B 154 -15.61 -4.52 20.40
C CYS B 154 -14.20 -4.05 20.81
N LYS B 155 -13.53 -3.35 19.90
CA LYS B 155 -12.24 -2.71 20.14
C LYS B 155 -12.33 -1.49 21.06
N ASP B 156 -13.31 -0.63 20.81
CA ASP B 156 -13.56 0.53 21.64
C ASP B 156 -13.89 0.10 23.10
N ALA B 157 -14.61 -1.00 23.29
CA ALA B 157 -14.84 -1.55 24.64
C ALA B 157 -13.65 -2.35 25.24
N GLY B 158 -12.52 -2.43 24.55
CA GLY B 158 -11.32 -3.06 25.10
C GLY B 158 -11.36 -4.58 25.16
N LEU B 159 -12.48 -5.18 24.69
CA LEU B 159 -12.66 -6.64 24.57
C LEU B 159 -11.73 -7.25 23.53
N ALA B 160 -11.46 -6.53 22.43
CA ALA B 160 -10.40 -6.91 21.51
C ALA B 160 -9.41 -5.77 21.25
N LYS B 161 -8.13 -6.07 21.39
CA LYS B 161 -7.09 -5.06 21.20
C LYS B 161 -6.95 -4.68 19.75
N SER B 162 -7.01 -5.68 18.87
CA SER B 162 -6.94 -5.49 17.44
C SER B 162 -7.98 -6.36 16.76
N ILE B 163 -8.49 -5.88 15.61
CA ILE B 163 -9.46 -6.63 14.83
C ILE B 163 -8.95 -6.86 13.42
N GLY B 164 -9.45 -7.91 12.78
CA GLY B 164 -9.02 -8.19 11.40
C GLY B 164 -9.96 -9.19 10.84
N VAL B 165 -9.56 -9.80 9.71
CA VAL B 165 -10.40 -10.76 8.91
C VAL B 165 -9.60 -11.95 8.44
N SER B 166 -10.27 -12.86 7.74
CA SER B 166 -9.69 -14.16 7.35
C SER B 166 -10.42 -14.76 6.13
N ASN B 167 -9.68 -15.39 5.24
CA ASN B 167 -10.25 -15.89 3.98
C ASN B 167 -10.96 -14.83 3.08
N PHE B 168 -10.62 -13.54 3.25
CA PHE B 168 -11.14 -12.50 2.35
C PHE B 168 -10.20 -12.46 1.21
N ASN B 169 -10.77 -12.11 0.05
CA ASN B 169 -10.04 -11.76 -1.20
C ASN B 169 -9.98 -10.27 -1.33
N ARG B 170 -9.24 -9.81 -2.34
CA ARG B 170 -8.97 -8.39 -2.58
C ARG B 170 -10.28 -7.53 -2.67
N ARG B 171 -11.28 -8.01 -3.42
CA ARG B 171 -12.56 -7.28 -3.58
C ARG B 171 -13.30 -7.15 -2.22
N GLN B 172 -13.27 -8.20 -1.40
CA GLN B 172 -13.86 -8.19 -0.05
C GLN B 172 -13.12 -7.26 0.94
N LEU B 173 -11.80 -7.20 0.82
CA LEU B 173 -11.02 -6.26 1.58
C LEU B 173 -11.40 -4.83 1.20
N GLU B 174 -11.36 -4.53 -0.09
CA GLU B 174 -11.76 -3.19 -0.58
C GLU B 174 -13.13 -2.72 -0.10
N MET B 175 -14.10 -3.63 -0.09
CA MET B 175 -15.41 -3.38 0.51
C MET B 175 -15.37 -2.89 1.97
N ILE B 176 -14.50 -3.48 2.82
CA ILE B 176 -14.30 -2.95 4.20
C ILE B 176 -13.53 -1.64 4.12
N LEU B 177 -12.46 -1.64 3.32
CA LEU B 177 -11.56 -0.49 3.21
C LEU B 177 -12.21 0.80 2.66
N ASN B 178 -13.13 0.67 1.72
CA ASN B 178 -13.80 1.83 1.17
C ASN B 178 -15.15 2.13 1.85
N LYS B 179 -15.47 1.46 2.97
CA LYS B 179 -16.70 1.74 3.74
C LYS B 179 -16.80 3.21 4.20
N PRO B 180 -17.97 3.85 4.01
CA PRO B 180 -18.22 5.18 4.57
C PRO B 180 -18.05 5.17 6.06
N GLY B 181 -17.25 6.10 6.60
CA GLY B 181 -17.06 6.21 8.04
C GLY B 181 -16.18 5.16 8.73
N LEU B 182 -15.36 4.43 7.95
CA LEU B 182 -14.37 3.48 8.48
C LEU B 182 -13.55 4.10 9.63
N LYS B 183 -13.47 3.36 10.74
CA LYS B 183 -12.68 3.80 11.88
C LYS B 183 -11.41 2.97 12.03
N TYR B 184 -11.51 1.67 11.78
CA TYR B 184 -10.35 0.78 11.86
C TYR B 184 -10.27 -0.13 10.62
N LYS B 185 -9.14 -0.03 9.96
CA LYS B 185 -8.73 -1.01 8.98
C LYS B 185 -8.58 -2.37 9.69
N PRO B 186 -8.83 -3.47 8.94
CA PRO B 186 -8.33 -4.78 9.39
C PRO B 186 -6.82 -4.74 9.54
N VAL B 187 -6.32 -5.32 10.64
CA VAL B 187 -4.88 -5.37 10.94
C VAL B 187 -4.23 -6.45 10.10
N CYS B 188 -5.03 -7.36 9.59
CA CYS B 188 -4.52 -8.55 8.91
C CYS B 188 -5.59 -9.28 8.11
N ASN B 189 -5.14 -10.12 7.21
CA ASN B 189 -6.01 -11.04 6.51
C ASN B 189 -5.33 -12.42 6.67
N GLN B 190 -5.95 -13.33 7.44
CA GLN B 190 -5.44 -14.69 7.61
C GLN B 190 -5.99 -15.66 6.50
N VAL B 191 -5.07 -16.18 5.72
CA VAL B 191 -5.42 -16.90 4.49
C VAL B 191 -4.46 -18.08 4.27
N GLU B 192 -4.89 -19.08 3.45
CA GLU B 192 -4.00 -20.21 3.09
C GLU B 192 -2.82 -19.67 2.31
N CYS B 193 -1.61 -20.04 2.71
CA CYS B 193 -0.38 -19.49 2.14
C CYS B 193 0.80 -20.40 2.41
N HIS B 194 1.43 -20.85 1.35
CA HIS B 194 2.49 -21.85 1.41
C HIS B 194 3.22 -21.84 0.05
N PRO B 195 4.37 -22.56 -0.07
CA PRO B 195 5.08 -22.41 -1.35
C PRO B 195 4.37 -22.87 -2.59
N TYR B 196 3.36 -23.75 -2.49
CA TYR B 196 2.56 -24.13 -3.68
C TYR B 196 1.35 -23.19 -3.90
N PHE B 197 1.21 -22.15 -3.08
CA PHE B 197 0.09 -21.20 -3.19
C PHE B 197 0.54 -20.00 -2.41
N ASN B 198 1.52 -19.29 -2.95
CA ASN B 198 2.22 -18.26 -2.21
C ASN B 198 1.53 -16.88 -2.07
N ARG B 199 0.39 -16.71 -2.74
CA ARG B 199 -0.42 -15.47 -2.61
C ARG B 199 0.33 -14.18 -2.92
N SER B 200 1.33 -14.23 -3.81
CA SER B 200 2.17 -13.03 -4.12
C SER B 200 1.34 -11.79 -4.47
N LYS B 201 0.30 -11.97 -5.25
CA LYS B 201 -0.55 -10.83 -5.62
C LYS B 201 -1.37 -10.31 -4.42
N LEU B 202 -1.98 -11.19 -3.63
CA LEU B 202 -2.67 -10.75 -2.40
C LEU B 202 -1.72 -10.08 -1.36
N LEU B 203 -0.51 -10.57 -1.26
CA LEU B 203 0.47 -10.08 -0.31
C LEU B 203 0.91 -8.66 -0.67
N ASP B 204 1.20 -8.42 -1.93
CA ASP B 204 1.50 -7.07 -2.44
C ASP B 204 0.35 -6.11 -2.15
N PHE B 205 -0.86 -6.57 -2.47
CA PHE B 205 -2.05 -5.82 -2.14
C PHE B 205 -2.12 -5.47 -0.67
N CYS B 206 -1.93 -6.47 0.20
CA CYS B 206 -2.00 -6.24 1.65
C CYS B 206 -0.92 -5.30 2.18
N LYS B 207 0.29 -5.45 1.65
CA LYS B 207 1.35 -4.49 1.92
C LYS B 207 1.00 -3.06 1.52
N SER B 208 0.47 -2.87 0.32
CA SER B 208 0.05 -1.52 -0.10
C SER B 208 -1.02 -0.88 0.78
N LYS B 209 -1.78 -1.68 1.52
CA LYS B 209 -2.80 -1.15 2.40
C LYS B 209 -2.48 -1.20 3.89
N ASP B 210 -1.27 -1.61 4.27
CA ASP B 210 -0.85 -1.69 5.69
C ASP B 210 -1.63 -2.80 6.44
N ILE B 211 -1.86 -3.87 5.72
CA ILE B 211 -2.50 -5.06 6.24
C ILE B 211 -1.48 -6.17 6.22
N VAL B 212 -1.33 -6.86 7.35
CA VAL B 212 -0.40 -7.98 7.47
C VAL B 212 -1.08 -9.22 6.91
N LEU B 213 -0.39 -9.97 6.06
CA LEU B 213 -0.91 -11.28 5.65
C LEU B 213 -0.41 -12.30 6.67
N VAL B 214 -1.35 -13.09 7.23
CA VAL B 214 -0.98 -14.19 8.13
C VAL B 214 -1.31 -15.52 7.45
N ALA B 215 -0.31 -16.44 7.42
CA ALA B 215 -0.35 -17.69 6.66
C ALA B 215 -0.83 -18.87 7.53
N TYR B 216 -1.83 -19.61 7.04
CA TYR B 216 -2.21 -20.88 7.61
C TYR B 216 -1.97 -22.00 6.60
N SER B 217 -1.81 -23.23 7.10
CA SER B 217 -1.42 -24.39 6.28
C SER B 217 -0.09 -24.08 5.63
N ALA B 218 0.77 -23.34 6.34
CA ALA B 218 2.11 -23.04 5.87
C ALA B 218 2.96 -24.30 5.68
N LEU B 219 2.56 -25.39 6.33
CA LEU B 219 3.29 -26.64 6.22
C LEU B 219 2.57 -27.71 5.34
N GLY B 220 1.61 -27.28 4.52
CA GLY B 220 0.70 -28.20 3.81
C GLY B 220 -0.42 -28.26 4.80
N SER B 221 -1.49 -28.91 4.55
CA SER B 221 -2.52 -28.77 5.61
C SER B 221 -2.23 -29.91 6.64
N GLN B 222 -3.16 -30.21 7.53
CA GLN B 222 -3.18 -31.49 8.27
C GLN B 222 -3.67 -32.63 7.36
N ARG B 223 -4.09 -32.29 6.14
CA ARG B 223 -4.37 -33.27 5.09
C ARG B 223 -5.56 -34.14 5.56
N ASP B 224 -6.54 -33.51 6.22
CA ASP B 224 -7.76 -34.14 6.72
C ASP B 224 -8.58 -34.73 5.55
N LYS B 225 -9.19 -35.88 5.81
CA LYS B 225 -9.83 -36.66 4.76
C LYS B 225 -11.17 -36.10 4.33
N ARG B 226 -11.92 -35.52 5.27
CA ARG B 226 -13.18 -34.86 4.93
C ARG B 226 -12.97 -33.80 3.86
N TRP B 227 -11.83 -33.10 3.86
CA TRP B 227 -11.69 -31.91 3.01
C TRP B 227 -10.31 -31.61 2.38
N VAL B 228 -9.53 -32.65 2.07
CA VAL B 228 -8.27 -32.51 1.31
C VAL B 228 -8.19 -33.72 0.39
N ASP B 229 -7.68 -33.56 -0.83
CA ASP B 229 -7.49 -34.69 -1.75
C ASP B 229 -6.23 -35.48 -1.29
N PRO B 230 -6.36 -36.80 -0.99
CA PRO B 230 -5.20 -37.66 -0.68
C PRO B 230 -4.12 -37.68 -1.76
N ASN B 231 -4.51 -37.51 -3.01
CA ASN B 231 -3.60 -37.43 -4.15
C ASN B 231 -2.96 -36.07 -4.40
N SER B 232 -3.20 -35.09 -3.52
CA SER B 232 -2.49 -33.83 -3.67
C SER B 232 -1.02 -34.05 -3.27
N PRO B 233 -0.11 -33.33 -3.91
CA PRO B 233 1.29 -33.43 -3.50
C PRO B 233 1.53 -32.98 -2.06
N VAL B 234 2.36 -33.74 -1.37
CA VAL B 234 2.65 -33.49 0.01
C VAL B 234 3.76 -32.45 0.07
N LEU B 235 3.43 -31.28 0.61
CA LEU B 235 4.33 -30.11 0.56
C LEU B 235 5.70 -30.41 1.11
N LEU B 236 5.73 -31.09 2.25
CA LEU B 236 6.99 -31.33 2.95
C LEU B 236 7.91 -32.34 2.28
N GLU B 237 7.41 -33.05 1.26
CA GLU B 237 8.21 -33.93 0.39
C GLU B 237 8.70 -33.23 -0.88
N ASP B 238 8.62 -31.91 -0.95
CA ASP B 238 9.03 -31.23 -2.15
C ASP B 238 10.55 -31.26 -2.25
N PRO B 239 11.08 -31.74 -3.40
CA PRO B 239 12.51 -31.85 -3.71
C PRO B 239 13.34 -30.60 -3.40
N VAL B 240 12.81 -29.45 -3.83
CA VAL B 240 13.51 -28.18 -3.66
C VAL B 240 13.59 -27.81 -2.18
N LEU B 241 12.50 -28.10 -1.46
CA LEU B 241 12.44 -27.86 -0.02
C LEU B 241 13.35 -28.78 0.74
N CYS B 242 13.37 -30.03 0.31
CA CYS B 242 14.38 -31.00 0.82
C CYS B 242 15.84 -30.59 0.56
N ALA B 243 16.18 -30.18 -0.66
CA ALA B 243 17.60 -29.79 -0.97
C ALA B 243 18.01 -28.60 -0.13
N LEU B 244 17.07 -27.68 0.05
CA LEU B 244 17.28 -26.50 0.87
C LEU B 244 17.46 -26.88 2.32
N ALA B 245 16.74 -27.91 2.76
CA ALA B 245 16.88 -28.44 4.14
C ALA B 245 18.29 -29.04 4.37
N LYS B 246 18.77 -29.90 3.44
CA LYS B 246 20.17 -30.43 3.43
C LYS B 246 21.17 -29.29 3.46
N LYS B 247 20.94 -28.29 2.61
CA LYS B 247 21.87 -27.18 2.45
C LYS B 247 22.11 -26.46 3.78
N HIS B 248 21.04 -26.14 4.54
CA HIS B 248 21.20 -25.37 5.80
C HIS B 248 21.20 -26.23 7.03
N LYS B 249 21.10 -27.55 6.84
CA LYS B 249 21.00 -28.55 7.92
C LYS B 249 19.82 -28.25 8.82
N ARG B 250 18.67 -28.12 8.17
CA ARG B 250 17.38 -27.92 8.84
C ARG B 250 16.47 -29.03 8.34
N THR B 251 15.15 -28.81 8.35
CA THR B 251 14.15 -29.72 7.83
C THR B 251 13.29 -28.93 6.87
N PRO B 252 12.48 -29.60 6.03
CA PRO B 252 11.62 -28.86 5.08
C PRO B 252 10.60 -27.96 5.75
N ALA B 253 10.03 -28.42 6.85
CA ALA B 253 9.15 -27.61 7.71
C ALA B 253 9.80 -26.30 8.08
N LEU B 254 11.05 -26.35 8.53
CA LEU B 254 11.73 -25.11 8.95
C LEU B 254 11.98 -24.16 7.77
N ILE B 255 12.31 -24.75 6.61
CA ILE B 255 12.48 -23.99 5.35
C ILE B 255 11.17 -23.26 5.02
N ALA B 256 10.07 -24.00 5.01
CA ALA B 256 8.74 -23.46 4.67
C ALA B 256 8.29 -22.30 5.61
N LEU B 257 8.65 -22.41 6.90
CA LEU B 257 8.36 -21.37 7.90
C LEU B 257 9.20 -20.14 7.64
N ARG B 258 10.49 -20.38 7.46
CA ARG B 258 11.45 -19.30 7.23
C ARG B 258 11.10 -18.46 6.00
N TYR B 259 10.80 -19.13 4.91
CA TYR B 259 10.35 -18.49 3.71
C TYR B 259 9.40 -17.33 3.97
N GLN B 260 8.34 -17.61 4.73
CA GLN B 260 7.28 -16.61 5.05
C GLN B 260 7.80 -15.43 5.83
N LEU B 261 8.58 -15.71 6.84
CA LEU B 261 9.13 -14.64 7.64
C LEU B 261 9.97 -13.68 6.80
N GLN B 262 10.78 -14.19 5.88
CA GLN B 262 11.69 -13.31 5.13
C GLN B 262 10.94 -12.57 4.01
N ARG B 263 9.71 -12.98 3.70
CA ARG B 263 8.85 -12.24 2.77
C ARG B 263 7.82 -11.34 3.45
N GLY B 264 7.93 -11.15 4.76
CA GLY B 264 7.03 -10.23 5.46
C GLY B 264 5.69 -10.87 5.86
N VAL B 265 5.58 -12.20 5.77
CA VAL B 265 4.34 -12.90 6.16
C VAL B 265 4.50 -13.30 7.65
N VAL B 266 3.44 -13.11 8.44
CA VAL B 266 3.39 -13.75 9.77
C VAL B 266 2.92 -15.18 9.53
N VAL B 267 3.52 -16.16 10.22
CA VAL B 267 3.27 -17.57 9.91
C VAL B 267 2.79 -18.42 11.08
N LEU B 268 1.82 -19.30 10.80
CA LEU B 268 1.31 -20.22 11.82
C LEU B 268 1.86 -21.62 11.57
N ALA B 269 1.89 -22.39 12.64
CA ALA B 269 2.33 -23.73 12.57
C ALA B 269 1.61 -24.59 13.63
N LYS B 270 0.83 -25.56 13.20
CA LYS B 270 0.14 -26.41 14.17
C LYS B 270 1.00 -27.58 14.29
N SER B 271 1.26 -27.97 15.53
CA SER B 271 1.76 -29.28 15.87
C SER B 271 1.25 -29.72 17.24
N TYR B 272 0.82 -30.99 17.31
CA TYR B 272 0.47 -31.65 18.56
C TYR B 272 1.56 -32.64 18.99
N ASN B 273 2.75 -32.50 18.44
CA ASN B 273 3.85 -33.39 18.72
C ASN B 273 4.92 -32.57 19.44
N GLU B 274 5.33 -33.03 20.63
CA GLU B 274 6.25 -32.27 21.46
C GLU B 274 7.58 -31.93 20.77
N GLN B 275 8.14 -32.86 20.02
CA GLN B 275 9.42 -32.64 19.36
C GLN B 275 9.32 -31.62 18.21
N ARG B 276 8.26 -31.72 17.44
CA ARG B 276 8.02 -30.82 16.32
C ARG B 276 7.55 -29.47 16.73
N ILE B 277 6.78 -29.36 17.83
CA ILE B 277 6.49 -28.06 18.46
C ILE B 277 7.82 -27.31 18.77
N ARG B 278 8.72 -28.03 19.45
CA ARG B 278 10.02 -27.51 19.89
C ARG B 278 11.01 -27.20 18.73
N GLN B 279 10.99 -28.02 17.69
CA GLN B 279 11.76 -27.77 16.44
C GLN B 279 11.34 -26.47 15.75
N ASN B 280 10.03 -26.24 15.69
CA ASN B 280 9.50 -25.14 14.90
C ASN B 280 10.01 -23.78 15.32
N VAL B 281 10.32 -23.61 16.61
CA VAL B 281 10.91 -22.33 17.07
C VAL B 281 12.41 -22.17 16.67
N GLN B 282 13.04 -23.21 16.12
CA GLN B 282 14.35 -23.05 15.47
C GLN B 282 14.29 -22.26 14.14
N VAL B 283 13.10 -21.83 13.70
CA VAL B 283 12.99 -21.03 12.50
C VAL B 283 13.82 -19.76 12.63
N PHE B 284 14.01 -19.27 13.87
CA PHE B 284 14.77 -18.04 14.15
C PHE B 284 16.30 -18.20 14.16
N GLU B 285 16.83 -19.42 14.07
CA GLU B 285 18.28 -19.66 14.23
C GLU B 285 19.06 -19.60 12.90
N PHE B 286 18.37 -19.43 11.77
CA PHE B 286 19.03 -19.36 10.46
C PHE B 286 18.34 -18.43 9.46
N GLN B 287 19.01 -18.22 8.32
CA GLN B 287 18.51 -17.41 7.21
C GLN B 287 18.61 -18.17 5.90
N LEU B 288 17.64 -17.91 5.02
CA LEU B 288 17.69 -18.30 3.62
C LEU B 288 18.37 -17.18 2.84
N THR B 289 19.05 -17.53 1.75
CA THR B 289 19.64 -16.47 0.89
C THR B 289 18.59 -15.90 -0.05
N ALA B 290 18.85 -14.70 -0.56
CA ALA B 290 18.05 -14.10 -1.63
C ALA B 290 17.67 -15.10 -2.77
N GLU B 291 18.60 -15.96 -3.15
CA GLU B 291 18.40 -16.90 -4.24
C GLU B 291 17.74 -18.17 -3.73
N ASP B 292 17.97 -18.54 -2.46
CA ASP B 292 17.08 -19.56 -1.80
C ASP B 292 15.60 -19.15 -1.88
N MET B 293 15.32 -17.90 -1.55
CA MET B 293 13.95 -17.34 -1.57
C MET B 293 13.35 -17.43 -2.97
N LYS B 294 14.16 -17.14 -3.98
CA LYS B 294 13.68 -17.20 -5.35
C LYS B 294 13.48 -18.65 -5.84
N ALA B 295 14.32 -19.56 -5.37
CA ALA B 295 14.06 -21.00 -5.59
C ALA B 295 12.67 -21.50 -5.07
N ILE B 296 12.33 -21.12 -3.83
CA ILE B 296 10.99 -21.38 -3.21
C ILE B 296 9.83 -20.62 -3.93
N ASP B 297 9.99 -19.33 -4.23
CA ASP B 297 9.00 -18.61 -5.10
C ASP B 297 8.67 -19.41 -6.38
N GLY B 298 9.70 -20.06 -6.96
CA GLY B 298 9.54 -20.90 -8.18
C GLY B 298 8.56 -22.07 -8.07
N LEU B 299 8.17 -22.43 -6.86
CA LEU B 299 7.31 -23.58 -6.63
C LEU B 299 5.83 -23.30 -6.70
N ASP B 300 5.47 -22.02 -6.80
CA ASP B 300 4.07 -21.61 -6.81
C ASP B 300 3.30 -22.34 -7.91
N ARG B 301 2.14 -22.88 -7.56
CA ARG B 301 1.35 -23.62 -8.51
C ARG B 301 -0.15 -23.58 -8.27
N ASN B 302 -0.61 -22.57 -7.55
CA ASN B 302 -2.03 -22.35 -7.31
C ASN B 302 -2.73 -23.61 -6.75
N LEU B 303 -2.11 -24.28 -5.78
CA LEU B 303 -2.72 -25.47 -5.18
C LEU B 303 -3.28 -25.08 -3.84
N HIS B 304 -4.59 -25.22 -3.64
CA HIS B 304 -5.12 -25.05 -2.33
C HIS B 304 -5.61 -26.34 -1.74
N TYR B 305 -5.25 -26.57 -0.48
CA TYR B 305 -5.54 -27.83 0.17
C TYR B 305 -6.96 -27.91 0.68
N PHE B 306 -7.44 -26.87 1.35
CA PHE B 306 -8.81 -26.86 1.80
C PHE B 306 -9.73 -26.57 0.57
N ASN B 307 -10.84 -27.29 0.52
CA ASN B 307 -11.92 -27.04 -0.44
C ASN B 307 -13.25 -27.68 0.07
N SER B 308 -14.19 -27.84 -0.84
CA SER B 308 -15.37 -28.72 -0.70
C SER B 308 -15.92 -28.95 -2.14
N ASP B 309 -17.22 -29.20 -2.30
CA ASP B 309 -17.95 -28.93 -3.55
C ASP B 309 -18.94 -27.80 -3.18
N SER B 310 -19.68 -28.04 -2.09
CA SER B 310 -20.50 -27.04 -1.37
C SER B 310 -19.89 -25.66 -1.04
N PHE B 311 -18.60 -25.43 -1.31
CA PHE B 311 -18.02 -24.06 -1.25
C PHE B 311 -18.66 -23.02 -2.19
N ALA B 312 -18.68 -23.32 -3.49
CA ALA B 312 -18.83 -22.30 -4.56
C ALA B 312 -20.26 -21.91 -4.79
N SER B 313 -21.19 -22.72 -4.26
CA SER B 313 -22.60 -22.35 -4.24
C SER B 313 -22.90 -21.08 -3.38
N HIS B 314 -21.86 -20.55 -2.70
CA HIS B 314 -21.96 -19.29 -1.95
C HIS B 314 -21.49 -18.06 -2.78
N PRO B 315 -22.28 -16.95 -2.75
CA PRO B 315 -21.89 -15.69 -3.44
C PRO B 315 -20.57 -15.05 -2.97
N ASN B 316 -20.38 -14.96 -1.65
CA ASN B 316 -19.05 -14.69 -1.00
C ASN B 316 -17.96 -15.79 -1.07
N TYR B 317 -18.03 -16.71 -2.04
CA TYR B 317 -16.93 -17.66 -2.25
C TYR B 317 -15.62 -16.91 -2.67
N PRO B 318 -14.57 -16.87 -1.77
CA PRO B 318 -13.37 -16.08 -2.05
C PRO B 318 -12.57 -16.50 -3.30
N TYR B 319 -12.46 -17.81 -3.59
CA TYR B 319 -11.69 -18.28 -4.78
C TYR B 319 -12.44 -18.31 -6.14
N SER B 320 -13.56 -17.59 -6.23
CA SER B 320 -14.28 -17.39 -7.50
C SER B 320 -13.29 -16.89 -8.59
S1 GMR C . 2.16 10.84 -16.59
O2 GMR C . 0.97 13.62 -14.28
O3 GMR C . 3.17 10.14 -15.87
O4 GMR C . 2.46 11.35 -17.90
O5 GMR C . -3.69 11.39 -19.09
O6 GMR C . -6.63 8.67 -17.87
N7 GMR C . 0.52 13.93 -16.36
N8 GMR C . 1.75 12.00 -15.47
N9 GMR C . -5.84 10.53 -18.87
N10 GMR C . -4.40 9.07 -17.82
C11 GMR C . -1.59 15.60 -18.99
C12 GMR C . 0.06 13.52 -17.66
C13 GMR C . -2.06 14.94 -17.72
C14 GMR C . -0.11 15.80 -18.88
C15 GMR C . -1.47 13.55 -17.61
C16 GMR C . 0.62 14.47 -18.74
C17 GMR C . -2.34 16.89 -19.28
C18 GMR C . 1.08 13.21 -15.42
C19 GMR C . -7.18 10.88 -19.31
C20 GMR C . -6.92 12.11 -20.13
C21 GMR C . -5.64 12.50 -20.03
C22 GMR C . 0.72 9.84 -16.71
C23 GMR C . -4.90 11.48 -19.29
C24 GMR C . -5.01 13.70 -20.67
C25 GMR C . -2.83 7.42 -16.86
C26 GMR C . -1.59 8.28 -16.84
C27 GMR C . -5.66 9.34 -18.17
C28 GMR C . -3.86 7.73 -17.92
C29 GMR C . -8.01 12.63 -21.00
C30 GMR C . 0.18 9.32 -15.55
C31 GMR C . 0.12 9.60 -17.93
C32 GMR C . -0.97 8.54 -15.62
C33 GMR C . -1.02 8.82 -17.99
C34 GMR C . -4.72 13.49 -22.16
PA NAP D . 11.67 11.33 -15.10
O1A NAP D . 11.86 12.11 -16.36
O2A NAP D . 11.92 12.05 -13.75
O5B NAP D . 12.56 10.02 -15.10
C5B NAP D . 12.53 9.18 -16.24
C4B NAP D . 13.31 7.88 -16.01
O4B NAP D . 14.72 8.13 -15.75
C3B NAP D . 12.74 7.09 -14.84
O3B NAP D . 11.72 6.17 -15.25
C2B NAP D . 13.93 6.43 -14.20
O2B NAP D . 13.87 5.01 -14.30
C1B NAP D . 15.13 7.02 -14.93
N9A NAP D . 16.15 7.54 -14.02
C8A NAP D . 15.97 8.25 -12.87
N7A NAP D . 17.14 8.59 -12.28
C5A NAP D . 18.09 8.12 -13.08
C6A NAP D . 19.55 8.14 -13.04
N6A NAP D . 20.17 8.76 -12.03
N1A NAP D . 20.21 7.54 -14.08
C2A NAP D . 19.56 6.92 -15.12
N3A NAP D . 18.20 6.85 -15.20
C4A NAP D . 17.44 7.44 -14.24
O3 NAP D . 10.21 10.61 -15.10
PN NAP D . 8.73 11.30 -15.15
O1N NAP D . 7.86 10.37 -14.35
O2N NAP D . 8.32 11.66 -16.55
O5D NAP D . 8.74 12.74 -14.34
C5D NAP D . 8.97 12.80 -12.94
C4D NAP D . 7.68 13.02 -12.15
O4D NAP D . 7.06 14.18 -12.63
C3D NAP D . 6.56 11.97 -12.19
O3D NAP D . 6.77 10.73 -11.46
C2D NAP D . 5.41 12.80 -11.70
O2D NAP D . 5.48 12.87 -10.28
C1D NAP D . 5.66 14.17 -12.32
N1N NAP D . 4.84 14.48 -13.54
C2N NAP D . 3.90 15.43 -13.53
C3N NAP D . 3.21 15.67 -14.71
C7N NAP D . 2.14 16.70 -14.82
O7N NAP D . 1.33 16.63 -15.74
N7N NAP D . 2.13 17.70 -13.93
C4N NAP D . 3.45 14.95 -15.86
C5N NAP D . 4.43 14.02 -15.87
C6N NAP D . 5.11 13.82 -14.70
P2B NAP D . 14.01 3.96 -13.03
O1X NAP D . 14.41 2.76 -13.85
O2X NAP D . 15.12 4.52 -12.14
O3X NAP D . 12.68 3.90 -12.36
S1 GMR E . -9.67 -26.00 9.52
O2 GMR E . -9.90 -22.48 10.84
O3 GMR E . -9.64 -25.93 8.09
O4 GMR E . -8.65 -26.73 10.20
O5 GMR E . -15.96 -25.67 7.66
O6 GMR E . -18.68 -27.08 10.58
N7 GMR E . -11.13 -22.94 9.03
N8 GMR E . -9.56 -24.51 10.20
N9 GMR E . -18.04 -26.07 8.62
N10 GMR E . -16.48 -27.07 10.05
C11 GMR E . -13.24 -22.22 5.95
C12 GMR E . -11.70 -23.78 7.97
C13 GMR E . -13.79 -22.42 7.34
C14 GMR E . -11.74 -22.13 6.02
C15 GMR E . -13.23 -23.71 7.97
C16 GMR E . -11.13 -23.41 6.60
C17 GMR E . -13.87 -21.03 5.23
C18 GMR E . -10.22 -23.29 10.00
C19 GMR E . -19.43 -25.77 8.29
C20 GMR E . -19.30 -24.97 7.02
C21 GMR E . -18.01 -24.77 6.70
C22 GMR E . -11.25 -26.61 10.03
C23 GMR E . -17.18 -25.51 7.66
C24 GMR E . -17.49 -24.00 5.53
C25 GMR E . -14.91 -28.41 11.42
C26 GMR E . -13.65 -27.74 10.91
C27 GMR E . -17.77 -26.79 9.82
C28 GMR E . -16.09 -28.41 10.48
C29 GMR E . -20.55 -24.56 6.29
C30 GMR E . -12.11 -27.19 9.11
C31 GMR E . -11.58 -26.57 11.38
C32 GMR E . -13.31 -27.75 9.55
C33 GMR E . -12.77 -27.14 11.80
C34 GMR E . -17.87 -22.50 5.60
PA NAP F . -0.11 -26.74 9.40
O1A NAP F . 0.48 -25.71 10.38
O2A NAP F . -0.01 -26.42 7.98
O5B NAP F . 0.61 -28.12 9.80
C5B NAP F . 0.22 -29.32 9.16
C4B NAP F . 0.85 -30.52 9.79
O4B NAP F . 2.27 -30.37 9.76
C3B NAP F . 0.49 -30.68 11.27
O3B NAP F . -0.70 -31.44 11.50
C2B NAP F . 1.73 -31.33 11.89
O2B NAP F . 1.62 -32.67 12.36
C1B NAP F . 2.79 -31.21 10.82
N9A NAP F . 4.01 -30.59 11.35
C8A NAP F . 4.11 -29.50 12.18
N7A NAP F . 5.41 -29.19 12.44
C5A NAP F . 6.18 -30.10 11.78
C6A NAP F . 7.60 -30.36 11.61
N6A NAP F . 8.54 -29.58 12.21
N1A NAP F . 7.98 -31.40 10.81
C2A NAP F . 7.09 -32.18 10.17
N3A NAP F . 5.74 -32.00 10.28
C4A NAP F . 5.25 -31.00 11.05
O3 NAP F . -1.63 -27.26 9.70
PN NAP F . -2.98 -26.32 9.76
O1N NAP F . -3.86 -26.92 10.81
O2N NAP F . -3.39 -26.19 8.36
O5D NAP F . -2.20 -25.01 10.39
C5D NAP F . -2.70 -23.76 10.47
C4D NAP F . -3.28 -23.40 11.80
O4D NAP F . -3.89 -22.19 11.34
C3D NAP F . -4.43 -24.19 12.40
O3D NAP F . -4.12 -24.81 13.60
C2D NAP F . -5.43 -23.12 12.73
O2D NAP F . -5.05 -22.43 13.96
C1D NAP F . -5.28 -22.12 11.64
N1N NAP F . -6.10 -22.32 10.42
C2N NAP F . -6.96 -21.31 10.15
C3N NAP F . -7.78 -21.33 9.01
C7N NAP F . -8.69 -20.16 8.71
O7N NAP F . -9.67 -20.31 7.99
N7N NAP F . -8.39 -18.95 9.24
C4N NAP F . -7.72 -22.48 8.19
C5N NAP F . -6.82 -23.52 8.48
C6N NAP F . -6.03 -23.40 9.60
P2B NAP F . 1.82 -32.98 13.94
O1X NAP F . 1.70 -34.46 14.17
O2X NAP F . 3.20 -32.42 14.31
O3X NAP F . 0.66 -32.31 14.62
#